data_1UG9
#
_entry.id   1UG9
#
_cell.length_a   199.860
_cell.length_b   88.535
_cell.length_c   80.781
_cell.angle_alpha   90.00
_cell.angle_beta   113.08
_cell.angle_gamma   90.00
#
_symmetry.space_group_name_H-M   'C 1 2 1'
#
loop_
_entity.id
_entity.type
_entity.pdbx_description
1 polymer glucodextranase
2 non-polymer 'CALCIUM ION'
3 non-polymer GLYCEROL
4 water water
#
_entity_poly.entity_id   1
_entity_poly.type   'polypeptide(L)'
_entity_poly.pdbx_seq_one_letter_code
;ETAEPPGSPGAAATWTKGDKEGVGTSLNPASKVWYTLTEGTMSEVYYPHADTPNTRELQFAVSDGTSAQRESEQTTRTVE
LADPKALSYRQTTTDNAGRWRLTKTYVTDPRRSTVMLGVTFEVLDGGDYQLFVLSDPSLAGTSGGDTGSVTDGALLASDL
ADAATPVATALVSSVGFGAVANGYVGTSDGWTDLAADGRLDNASATAGPGNISQTGQIPLAAGGKTEFSLALGFGADTAE
ALATAKASLGTGYKKVSKSYTGEWKKYLNSLDAPATSLTGALRTQYDVSLMTVKSHEDKTFPGAFIASLTIPWGQAASAE
THREGYHAVWARDMYQSVTALLAAGDEEAAARGVEWLFTYQQQPDGHFPQTSRVDGTIGQNGIQLDETAFPILLANQIGR
TDAGFYRNELKPAADYLVAAGPKTPQERWEETGGYSTSTLASQIAALAAAADIAGKNGDAGSAAVYRATADEWQRSTEKW
MFTTNGPVGDGKYYLRISATGNPNDGATRDWGNGAGVHPENAVLDGGFLEFVRLGVKAPADPYVADSLAETDASISQETP
GGRMWHRYTYDGYGEKADGSPWDGTGIGRLWPLLSGERGEYALANGQDALPYLETMHSAANAGYMIPEQVWDRDEPTSYG
HELGRSTGSASPLSWAMAQYVRLAAGVKAGAPVETPQNVAARYAAGTPLSSPELSVTAPEALSTADSATAVVRGTTNAAK
VYVSVNGTATEAPVTDGTFSLDVALTGAKNKVTVAAVAADGGTAVEDRTVLYYGSRIGALSDPAGDDNGPGTYRYPTNSA
YVPGAFDLTGVDVYDAGDDYAFVATIAGEVTNPWGGQAISHQRVNIYLGKGEGGATPGLPGTNINLEHAWDSVIVTDGRF
DGAGVYAPDGTRTSAVSLLAVPEARQIVTRVPKAALGGLDPATARMSVAMFGNAESGEGIGNVRPVYDGAYWEAGDPAWI
KEWRFGGGAGVFDGTIPSRDTDTDDPNALDVLVGEGQTQAAVLDWRAGSPVVVPMLGLQP
;
_entity_poly.pdbx_strand_id   A
#
# COMPACT_ATOMS: atom_id res chain seq x y z
N THR A 2 -41.23 -13.15 -20.90
CA THR A 2 -40.49 -14.40 -21.28
C THR A 2 -40.45 -15.43 -20.16
N ALA A 3 -40.72 -16.68 -20.50
CA ALA A 3 -40.72 -17.78 -19.53
C ALA A 3 -39.28 -18.13 -19.10
N GLU A 4 -39.07 -18.28 -17.81
CA GLU A 4 -37.73 -18.59 -17.27
C GLU A 4 -37.63 -19.93 -16.57
N PRO A 5 -36.47 -20.62 -16.72
CA PRO A 5 -36.36 -21.91 -16.04
C PRO A 5 -36.38 -21.54 -14.54
N PRO A 6 -36.87 -22.46 -13.68
CA PRO A 6 -36.92 -22.18 -12.25
C PRO A 6 -35.59 -21.95 -11.53
N GLY A 7 -35.63 -21.14 -10.46
CA GLY A 7 -34.44 -20.89 -9.68
C GLY A 7 -33.98 -19.46 -9.53
N SER A 8 -34.51 -18.55 -10.34
CA SER A 8 -34.09 -17.14 -10.26
C SER A 8 -34.05 -16.65 -8.81
N PRO A 9 -33.03 -15.84 -8.46
CA PRO A 9 -31.94 -15.35 -9.31
C PRO A 9 -30.73 -16.27 -9.42
N GLY A 10 -30.77 -17.44 -8.80
CA GLY A 10 -29.63 -18.32 -8.85
C GLY A 10 -28.90 -18.26 -7.51
N ALA A 11 -28.33 -19.38 -7.10
CA ALA A 11 -27.63 -19.48 -5.81
C ALA A 11 -26.40 -18.62 -5.62
N ALA A 12 -26.11 -18.29 -4.35
CA ALA A 12 -24.93 -17.50 -4.02
C ALA A 12 -23.76 -18.35 -4.47
N ALA A 13 -22.71 -17.73 -5.01
CA ALA A 13 -21.58 -18.49 -5.49
C ALA A 13 -20.25 -17.99 -4.94
N THR A 14 -19.25 -18.86 -5.04
CA THR A 14 -17.92 -18.55 -4.56
C THR A 14 -16.94 -18.70 -5.73
N TRP A 15 -15.67 -18.39 -5.51
CA TRP A 15 -14.69 -18.56 -6.58
C TRP A 15 -14.10 -19.96 -6.49
N THR A 16 -12.95 -20.17 -7.11
CA THR A 16 -12.33 -21.48 -7.13
C THR A 16 -11.06 -21.66 -6.31
N LYS A 17 -10.78 -22.92 -5.98
CA LYS A 17 -9.59 -23.27 -5.23
C LYS A 17 -8.41 -22.50 -5.82
N GLY A 18 -7.64 -21.82 -4.96
CA GLY A 18 -6.50 -21.02 -5.41
C GLY A 18 -5.34 -21.79 -6.00
N ASP A 19 -5.20 -23.05 -5.61
CA ASP A 19 -4.11 -23.88 -6.10
C ASP A 19 -4.46 -24.42 -7.49
N LYS A 20 -3.93 -23.78 -8.53
CA LYS A 20 -4.19 -24.17 -9.91
C LYS A 20 -3.26 -25.27 -10.41
N GLU A 21 -3.84 -26.30 -11.01
CA GLU A 21 -3.09 -27.43 -11.55
C GLU A 21 -2.23 -27.00 -12.73
N GLY A 22 -2.62 -25.89 -13.34
CA GLY A 22 -1.89 -25.37 -14.47
C GLY A 22 -2.56 -24.10 -14.94
N VAL A 23 -1.83 -23.30 -15.70
CA VAL A 23 -2.38 -22.05 -16.21
C VAL A 23 -1.83 -21.90 -17.62
N GLY A 24 -2.44 -21.01 -18.41
CA GLY A 24 -1.96 -20.83 -19.76
C GLY A 24 -2.53 -19.67 -20.52
N THR A 25 -1.75 -19.18 -21.47
CA THR A 25 -2.13 -18.09 -22.33
C THR A 25 -1.15 -18.16 -23.52
N SER A 26 -1.53 -17.58 -24.64
CA SER A 26 -0.68 -17.58 -25.81
C SER A 26 0.37 -16.49 -25.63
N LEU A 27 1.49 -16.63 -26.33
CA LEU A 27 2.54 -15.64 -26.27
C LEU A 27 2.04 -14.40 -27.02
N ASN A 28 1.22 -14.65 -28.05
CA ASN A 28 0.62 -13.62 -28.89
C ASN A 28 -0.37 -12.76 -28.09
N PRO A 29 -0.23 -11.42 -28.14
CA PRO A 29 -1.13 -10.51 -27.42
C PRO A 29 -2.50 -10.32 -28.07
N ALA A 30 -2.70 -10.91 -29.25
CA ALA A 30 -3.98 -10.80 -29.94
C ALA A 30 -5.06 -11.61 -29.21
N SER A 31 -4.62 -12.64 -28.48
CA SER A 31 -5.51 -13.52 -27.72
C SER A 31 -5.59 -13.00 -26.28
N LYS A 32 -6.67 -12.34 -25.92
CA LYS A 32 -6.84 -11.79 -24.58
C LYS A 32 -7.49 -12.80 -23.65
N VAL A 33 -6.93 -14.00 -23.62
CA VAL A 33 -7.48 -15.09 -22.82
C VAL A 33 -6.43 -15.85 -21.99
N TRP A 34 -6.76 -16.06 -20.71
CA TRP A 34 -5.90 -16.76 -19.75
C TRP A 34 -6.75 -17.82 -19.06
N TYR A 35 -6.34 -19.08 -19.13
CA TYR A 35 -7.09 -20.16 -18.48
C TYR A 35 -6.36 -20.73 -17.27
N THR A 36 -7.15 -21.25 -16.33
CA THR A 36 -6.59 -21.88 -15.13
C THR A 36 -7.33 -23.18 -14.88
N LEU A 37 -6.66 -24.12 -14.21
CA LEU A 37 -7.24 -25.43 -13.93
C LEU A 37 -7.20 -25.79 -12.43
N THR A 38 -8.21 -26.54 -11.98
CA THR A 38 -8.26 -26.99 -10.60
C THR A 38 -9.28 -28.09 -10.45
N GLU A 39 -9.00 -29.01 -9.52
CA GLU A 39 -9.89 -30.12 -9.23
C GLU A 39 -10.30 -30.96 -10.45
N GLY A 40 -9.48 -30.94 -11.50
CA GLY A 40 -9.80 -31.72 -12.68
C GLY A 40 -10.75 -31.02 -13.63
N THR A 41 -10.98 -29.73 -13.37
CA THR A 41 -11.86 -28.93 -14.20
C THR A 41 -11.14 -27.66 -14.66
N MET A 42 -11.81 -26.87 -15.50
CA MET A 42 -11.25 -25.61 -15.94
C MET A 42 -11.90 -24.60 -14.99
N SER A 43 -11.08 -23.81 -14.31
CA SER A 43 -11.59 -22.81 -13.38
C SER A 43 -11.67 -21.45 -14.06
N GLU A 44 -11.24 -20.41 -13.37
CA GLU A 44 -11.31 -19.06 -13.92
C GLU A 44 -10.54 -18.86 -15.21
N VAL A 45 -11.19 -18.19 -16.16
CA VAL A 45 -10.57 -17.86 -17.44
C VAL A 45 -10.66 -16.33 -17.45
N TYR A 46 -9.51 -15.69 -17.50
CA TYR A 46 -9.47 -14.23 -17.50
C TYR A 46 -9.61 -13.65 -18.90
N TYR A 47 -10.22 -12.47 -18.96
CA TYR A 47 -10.47 -11.74 -20.22
C TYR A 47 -11.24 -10.48 -19.88
N PRO A 48 -10.95 -9.37 -20.58
CA PRO A 48 -9.93 -9.23 -21.63
C PRO A 48 -8.61 -8.80 -21.04
N HIS A 49 -8.59 -8.67 -19.71
CA HIS A 49 -7.38 -8.27 -18.98
C HIS A 49 -7.02 -9.35 -17.99
N ALA A 50 -5.74 -9.47 -17.68
CA ALA A 50 -5.29 -10.48 -16.73
C ALA A 50 -5.88 -10.25 -15.35
N ASP A 51 -6.60 -9.13 -15.20
CA ASP A 51 -7.21 -8.79 -13.92
C ASP A 51 -8.73 -8.98 -13.85
N THR A 52 -9.29 -9.74 -14.80
CA THR A 52 -10.74 -9.96 -14.79
C THR A 52 -11.15 -11.42 -15.04
N PRO A 53 -11.55 -12.15 -13.98
CA PRO A 53 -11.98 -13.55 -14.08
C PRO A 53 -13.42 -13.59 -14.60
N ASN A 54 -13.77 -14.61 -15.39
CA ASN A 54 -15.12 -14.68 -15.95
C ASN A 54 -15.78 -16.03 -15.83
N THR A 55 -15.04 -16.99 -15.31
CA THR A 55 -15.52 -18.36 -15.21
C THR A 55 -15.36 -18.96 -13.83
N ARG A 56 -16.11 -20.02 -13.56
CA ARG A 56 -16.01 -20.69 -12.28
C ARG A 56 -15.61 -22.14 -12.53
N GLU A 57 -16.40 -22.83 -13.33
CA GLU A 57 -16.12 -24.23 -13.61
C GLU A 57 -16.67 -24.72 -14.94
N LEU A 58 -15.87 -25.51 -15.64
CA LEU A 58 -16.28 -26.12 -16.89
C LEU A 58 -15.74 -27.54 -16.84
N GLN A 59 -16.65 -28.50 -16.82
CA GLN A 59 -16.27 -29.90 -16.77
C GLN A 59 -17.35 -30.72 -17.45
N PHE A 60 -17.19 -32.04 -17.44
CA PHE A 60 -18.15 -32.91 -18.10
C PHE A 60 -18.93 -33.78 -17.14
N ALA A 61 -20.13 -34.16 -17.57
CA ALA A 61 -20.99 -35.05 -16.81
C ALA A 61 -21.30 -36.17 -17.78
N VAL A 62 -21.27 -37.40 -17.27
CA VAL A 62 -21.59 -38.54 -18.12
C VAL A 62 -22.71 -39.27 -17.40
N SER A 63 -23.69 -39.74 -18.16
CA SER A 63 -24.83 -40.43 -17.59
C SER A 63 -25.06 -41.74 -18.31
N ASP A 64 -25.70 -42.67 -17.62
CA ASP A 64 -26.02 -43.97 -18.19
C ASP A 64 -27.51 -43.95 -18.55
N GLY A 65 -28.15 -42.80 -18.33
CA GLY A 65 -29.55 -42.65 -18.63
C GLY A 65 -30.41 -42.67 -17.38
N THR A 66 -29.83 -43.13 -16.27
CA THR A 66 -30.53 -43.22 -15.00
C THR A 66 -29.74 -42.50 -13.93
N SER A 67 -28.42 -42.68 -13.96
CA SER A 67 -27.53 -42.05 -13.00
C SER A 67 -26.55 -41.21 -13.79
N ALA A 68 -26.11 -40.10 -13.19
CA ALA A 68 -25.16 -39.21 -13.85
C ALA A 68 -24.00 -38.88 -12.91
N GLN A 69 -22.83 -38.65 -13.48
CA GLN A 69 -21.66 -38.32 -12.68
C GLN A 69 -20.86 -37.14 -13.20
N ARG A 70 -20.10 -36.51 -12.32
CA ARG A 70 -19.23 -35.41 -12.68
C ARG A 70 -17.81 -35.95 -12.58
N GLU A 71 -16.92 -35.48 -13.43
CA GLU A 71 -15.55 -35.97 -13.39
C GLU A 71 -14.84 -35.46 -12.14
N SER A 72 -15.33 -34.33 -11.62
CA SER A 72 -14.75 -33.72 -10.42
C SER A 72 -14.95 -34.60 -9.20
N GLU A 73 -15.77 -35.65 -9.36
CA GLU A 73 -16.04 -36.57 -8.26
C GLU A 73 -15.38 -37.93 -8.47
N GLN A 74 -14.77 -38.13 -9.63
CA GLN A 74 -14.08 -39.39 -9.90
C GLN A 74 -12.75 -39.34 -9.16
N THR A 75 -12.58 -40.23 -8.19
CA THR A 75 -11.36 -40.28 -7.39
C THR A 75 -10.09 -40.37 -8.22
N THR A 76 -10.20 -40.96 -9.41
CA THR A 76 -9.04 -41.14 -10.26
C THR A 76 -8.95 -40.21 -11.47
N ARG A 77 -8.13 -39.16 -11.34
CA ARG A 77 -7.90 -38.21 -12.41
C ARG A 77 -6.50 -37.61 -12.29
N THR A 78 -5.86 -37.41 -13.44
CA THR A 78 -4.50 -36.87 -13.46
C THR A 78 -4.35 -35.58 -14.24
N VAL A 79 -3.26 -34.88 -13.94
CA VAL A 79 -2.92 -33.64 -14.62
C VAL A 79 -1.45 -33.74 -14.98
N GLU A 80 -1.11 -33.25 -16.16
CA GLU A 80 0.26 -33.30 -16.63
C GLU A 80 0.43 -32.28 -17.74
N LEU A 81 1.58 -31.64 -17.83
CA LEU A 81 1.77 -30.69 -18.90
C LEU A 81 1.98 -31.53 -20.15
N ALA A 82 1.26 -31.19 -21.22
CA ALA A 82 1.29 -31.92 -22.46
C ALA A 82 2.51 -31.67 -23.34
N ASP A 83 3.27 -30.63 -23.02
CA ASP A 83 4.45 -30.29 -23.80
C ASP A 83 5.49 -29.64 -22.88
N PRO A 84 6.69 -30.21 -22.80
CA PRO A 84 7.73 -29.66 -21.93
C PRO A 84 8.18 -28.23 -22.28
N LYS A 85 7.68 -27.70 -23.40
CA LYS A 85 8.07 -26.36 -23.83
C LYS A 85 6.88 -25.44 -24.13
N ALA A 86 5.72 -25.76 -23.57
CA ALA A 86 4.52 -24.94 -23.77
C ALA A 86 3.56 -25.11 -22.60
N LEU A 87 2.78 -24.07 -22.32
CA LEU A 87 1.80 -24.12 -21.24
C LEU A 87 0.50 -24.74 -21.75
N SER A 88 0.56 -26.04 -22.02
CA SER A 88 -0.59 -26.80 -22.47
C SER A 88 -0.71 -27.96 -21.50
N TYR A 89 -1.87 -28.11 -20.88
CA TYR A 89 -2.06 -29.17 -19.90
C TYR A 89 -3.09 -30.20 -20.32
N ARG A 90 -2.94 -31.40 -19.79
CA ARG A 90 -3.84 -32.49 -20.10
C ARG A 90 -4.41 -33.10 -18.82
N GLN A 91 -5.72 -33.03 -18.69
CA GLN A 91 -6.39 -33.60 -17.54
C GLN A 91 -7.02 -34.90 -18.02
N THR A 92 -6.97 -35.92 -17.17
CA THR A 92 -7.53 -37.22 -17.50
C THR A 92 -8.46 -37.68 -16.39
N THR A 93 -9.67 -38.09 -16.74
CA THR A 93 -10.64 -38.54 -15.75
C THR A 93 -11.09 -39.96 -16.06
N THR A 94 -11.04 -40.83 -15.06
CA THR A 94 -11.45 -42.21 -15.25
C THR A 94 -12.55 -42.56 -14.26
N ASP A 95 -13.59 -43.22 -14.75
CA ASP A 95 -14.72 -43.62 -13.92
C ASP A 95 -14.26 -44.49 -12.74
N ASN A 96 -14.81 -44.22 -11.56
CA ASN A 96 -14.45 -45.00 -10.38
C ASN A 96 -14.68 -46.49 -10.62
N ALA A 97 -15.48 -46.81 -11.62
CA ALA A 97 -15.77 -48.20 -11.96
C ALA A 97 -15.20 -48.51 -13.35
N GLY A 98 -14.22 -47.72 -13.78
CA GLY A 98 -13.57 -47.90 -15.06
C GLY A 98 -14.44 -48.16 -16.28
N ARG A 99 -15.64 -47.59 -16.31
CA ARG A 99 -16.52 -47.79 -17.45
C ARG A 99 -16.24 -46.82 -18.60
N TRP A 100 -15.67 -45.65 -18.26
CA TRP A 100 -15.36 -44.65 -19.29
C TRP A 100 -14.11 -43.88 -18.89
N ARG A 101 -13.54 -43.14 -19.85
CA ARG A 101 -12.37 -42.33 -19.61
C ARG A 101 -12.41 -41.07 -20.46
N LEU A 102 -12.18 -39.92 -19.82
CA LEU A 102 -12.17 -38.63 -20.50
C LEU A 102 -10.77 -38.03 -20.50
N THR A 103 -10.33 -37.52 -21.65
CA THR A 103 -9.02 -36.89 -21.73
C THR A 103 -9.18 -35.50 -22.33
N LYS A 104 -8.74 -34.50 -21.58
CA LYS A 104 -8.86 -33.12 -22.01
C LYS A 104 -7.51 -32.43 -22.08
N THR A 105 -7.25 -31.75 -23.19
CA THR A 105 -6.00 -31.02 -23.37
C THR A 105 -6.32 -29.56 -23.67
N TYR A 106 -5.77 -28.66 -22.87
CA TYR A 106 -6.01 -27.22 -23.01
C TYR A 106 -4.96 -26.45 -23.82
N VAL A 107 -5.44 -25.43 -24.51
CA VAL A 107 -4.60 -24.62 -25.36
C VAL A 107 -5.46 -23.40 -25.65
N THR A 108 -4.90 -22.35 -26.24
CA THR A 108 -5.71 -21.19 -26.60
C THR A 108 -5.33 -20.79 -28.01
N ASP A 109 -6.23 -20.12 -28.70
CA ASP A 109 -5.96 -19.68 -30.06
C ASP A 109 -5.13 -18.41 -29.99
N PRO A 110 -3.85 -18.49 -30.37
CA PRO A 110 -2.97 -17.34 -30.33
C PRO A 110 -3.41 -16.11 -31.12
N ARG A 111 -4.28 -16.32 -32.11
CA ARG A 111 -4.73 -15.19 -32.94
C ARG A 111 -6.00 -14.49 -32.47
N ARG A 112 -6.79 -15.14 -31.62
CA ARG A 112 -8.03 -14.56 -31.12
C ARG A 112 -8.37 -15.06 -29.72
N SER A 113 -9.29 -14.39 -29.04
CA SER A 113 -9.65 -14.75 -27.68
C SER A 113 -10.52 -15.99 -27.54
N THR A 114 -9.88 -17.15 -27.62
CA THR A 114 -10.59 -18.41 -27.51
C THR A 114 -9.77 -19.43 -26.71
N VAL A 115 -10.43 -20.10 -25.77
CA VAL A 115 -9.75 -21.14 -25.00
C VAL A 115 -10.26 -22.40 -25.69
N MET A 116 -9.35 -23.28 -26.08
CA MET A 116 -9.78 -24.49 -26.76
C MET A 116 -9.49 -25.76 -25.98
N LEU A 117 -10.37 -26.74 -26.14
CA LEU A 117 -10.22 -28.01 -25.46
C LEU A 117 -10.22 -29.17 -26.46
N GLY A 118 -9.20 -30.01 -26.38
CA GLY A 118 -9.11 -31.17 -27.25
C GLY A 118 -9.57 -32.32 -26.39
N VAL A 119 -10.72 -32.88 -26.71
CA VAL A 119 -11.28 -33.96 -25.90
C VAL A 119 -11.42 -35.31 -26.57
N THR A 120 -11.21 -36.35 -25.78
CA THR A 120 -11.37 -37.72 -26.24
C THR A 120 -12.18 -38.43 -25.18
N PHE A 121 -13.32 -38.98 -25.58
CA PHE A 121 -14.19 -39.70 -24.65
C PHE A 121 -14.21 -41.17 -25.02
N GLU A 122 -13.83 -42.03 -24.09
CA GLU A 122 -13.79 -43.46 -24.36
C GLU A 122 -14.75 -44.25 -23.48
N VAL A 123 -15.62 -45.02 -24.11
CA VAL A 123 -16.54 -45.87 -23.37
C VAL A 123 -15.85 -47.23 -23.37
N LEU A 124 -15.60 -47.76 -22.17
CA LEU A 124 -14.93 -49.05 -22.04
C LEU A 124 -15.93 -50.17 -21.72
N ASP A 125 -17.21 -49.81 -21.72
CA ASP A 125 -18.30 -50.75 -21.43
C ASP A 125 -18.94 -51.23 -22.72
N GLY A 126 -20.17 -51.74 -22.57
CA GLY A 126 -20.91 -52.20 -23.74
C GLY A 126 -21.34 -50.93 -24.47
N GLY A 127 -21.31 -49.83 -23.74
CA GLY A 127 -21.68 -48.55 -24.31
C GLY A 127 -22.97 -48.01 -23.75
N ASP A 128 -23.57 -47.07 -24.49
CA ASP A 128 -24.83 -46.44 -24.09
C ASP A 128 -24.63 -45.43 -22.96
N TYR A 129 -23.91 -44.36 -23.29
CA TYR A 129 -23.63 -43.30 -22.34
C TYR A 129 -23.90 -41.96 -23.01
N GLN A 130 -24.27 -40.98 -22.19
CA GLN A 130 -24.52 -39.64 -22.69
C GLN A 130 -23.45 -38.72 -22.06
N LEU A 131 -22.93 -37.80 -22.85
CA LEU A 131 -21.90 -36.86 -22.38
C LEU A 131 -22.41 -35.43 -22.48
N PHE A 132 -22.16 -34.64 -21.44
CA PHE A 132 -22.60 -33.24 -21.41
C PHE A 132 -21.53 -32.31 -20.88
N VAL A 133 -21.43 -31.12 -21.47
CA VAL A 133 -20.47 -30.16 -20.95
C VAL A 133 -21.21 -29.33 -19.91
N LEU A 134 -20.55 -29.04 -18.80
CA LEU A 134 -21.15 -28.22 -17.77
C LEU A 134 -20.32 -26.94 -17.70
N SER A 135 -20.94 -25.82 -18.05
CA SER A 135 -20.24 -24.55 -18.04
C SER A 135 -20.94 -23.52 -17.17
N ASP A 136 -20.35 -23.27 -16.01
CA ASP A 136 -20.90 -22.32 -15.06
C ASP A 136 -20.00 -21.09 -15.07
N PRO A 137 -20.41 -20.03 -15.78
CA PRO A 137 -19.61 -18.82 -15.85
C PRO A 137 -19.88 -17.83 -14.73
N SER A 138 -18.96 -16.89 -14.59
CA SER A 138 -19.04 -15.81 -13.61
C SER A 138 -18.50 -14.57 -14.33
N LEU A 139 -19.10 -14.29 -15.48
CA LEU A 139 -18.73 -13.19 -16.34
C LEU A 139 -18.51 -11.83 -15.70
N ALA A 140 -17.40 -11.19 -16.07
CA ALA A 140 -17.03 -9.87 -15.58
C ALA A 140 -16.72 -9.81 -14.08
N GLY A 141 -16.14 -10.90 -13.57
CA GLY A 141 -15.77 -10.96 -12.17
C GLY A 141 -16.88 -11.01 -11.16
N THR A 142 -18.09 -11.38 -11.61
CA THR A 142 -19.25 -11.48 -10.72
C THR A 142 -20.07 -12.71 -11.12
N SER A 143 -20.50 -13.51 -10.14
CA SER A 143 -21.28 -14.70 -10.46
C SER A 143 -22.73 -14.40 -10.81
N GLY A 144 -23.19 -13.20 -10.44
CA GLY A 144 -24.54 -12.79 -10.76
C GLY A 144 -24.51 -11.90 -12.00
N GLY A 145 -25.67 -11.41 -12.43
CA GLY A 145 -25.74 -10.53 -13.59
C GLY A 145 -25.40 -11.16 -14.93
N ASP A 146 -25.46 -12.49 -15.02
CA ASP A 146 -25.16 -13.18 -16.27
C ASP A 146 -26.42 -13.64 -16.97
N THR A 147 -26.38 -13.65 -18.30
CA THR A 147 -27.52 -14.08 -19.11
C THR A 147 -27.03 -15.08 -20.15
N GLY A 148 -27.63 -16.27 -20.15
CA GLY A 148 -27.25 -17.28 -21.12
C GLY A 148 -28.31 -17.44 -22.19
N SER A 149 -27.88 -17.67 -23.42
CA SER A 149 -28.82 -17.85 -24.54
C SER A 149 -28.29 -18.85 -25.56
N VAL A 150 -28.99 -18.97 -26.68
CA VAL A 150 -28.60 -19.89 -27.74
C VAL A 150 -28.74 -19.21 -29.09
N THR A 151 -27.96 -19.68 -30.06
CA THR A 151 -27.98 -19.16 -31.43
C THR A 151 -27.05 -20.01 -32.30
N ASP A 152 -27.56 -20.45 -33.44
CA ASP A 152 -26.78 -21.25 -34.38
C ASP A 152 -26.00 -22.39 -33.71
N GLY A 153 -26.70 -23.16 -32.86
CA GLY A 153 -26.07 -24.29 -32.21
C GLY A 153 -25.03 -23.98 -31.15
N ALA A 154 -24.87 -22.72 -30.80
CA ALA A 154 -23.89 -22.33 -29.78
C ALA A 154 -24.56 -21.90 -28.48
N LEU A 155 -23.79 -21.95 -27.40
CA LEU A 155 -24.28 -21.53 -26.09
C LEU A 155 -23.66 -20.16 -25.81
N LEU A 156 -24.49 -19.12 -25.83
CA LEU A 156 -24.05 -17.76 -25.59
C LEU A 156 -24.28 -17.34 -24.15
N ALA A 157 -23.57 -16.30 -23.72
CA ALA A 157 -23.71 -15.80 -22.37
C ALA A 157 -23.06 -14.41 -22.30
N SER A 158 -23.66 -13.50 -21.55
CA SER A 158 -23.08 -12.17 -21.43
C SER A 158 -23.34 -11.51 -20.09
N ASP A 159 -22.65 -10.39 -19.90
CA ASP A 159 -22.76 -9.55 -18.71
C ASP A 159 -22.22 -8.19 -19.12
N LEU A 160 -23.07 -7.37 -19.73
CA LEU A 160 -22.66 -6.04 -20.17
C LEU A 160 -23.02 -4.94 -19.16
N ALA A 161 -23.14 -5.31 -17.89
CA ALA A 161 -23.49 -4.33 -16.86
C ALA A 161 -22.45 -3.22 -16.76
N ASP A 162 -21.18 -3.56 -16.89
CA ASP A 162 -20.11 -2.58 -16.83
C ASP A 162 -19.76 -2.12 -18.25
N ALA A 163 -20.07 -0.87 -18.55
CA ALA A 163 -19.81 -0.32 -19.87
C ALA A 163 -18.32 -0.36 -20.22
N ALA A 164 -17.48 -0.26 -19.19
CA ALA A 164 -16.04 -0.26 -19.37
C ALA A 164 -15.51 -1.60 -19.87
N THR A 165 -15.83 -2.67 -19.16
CA THR A 165 -15.37 -3.99 -19.54
C THR A 165 -16.54 -4.95 -19.73
N PRO A 166 -17.16 -4.90 -20.91
CA PRO A 166 -18.29 -5.78 -21.21
C PRO A 166 -17.75 -7.18 -21.52
N VAL A 167 -18.45 -8.21 -21.08
CA VAL A 167 -18.01 -9.57 -21.31
C VAL A 167 -19.13 -10.48 -21.84
N ALA A 168 -18.77 -11.29 -22.83
CA ALA A 168 -19.70 -12.21 -23.44
C ALA A 168 -18.90 -13.42 -23.91
N THR A 169 -19.52 -14.58 -23.89
CA THR A 169 -18.85 -15.78 -24.32
C THR A 169 -19.70 -16.59 -25.27
N ALA A 170 -19.08 -17.58 -25.89
CA ALA A 170 -19.74 -18.47 -26.82
C ALA A 170 -19.04 -19.82 -26.68
N LEU A 171 -19.82 -20.86 -26.40
CA LEU A 171 -19.27 -22.19 -26.26
C LEU A 171 -19.69 -22.97 -27.49
N VAL A 172 -18.73 -23.48 -28.24
CA VAL A 172 -19.06 -24.21 -29.46
C VAL A 172 -18.38 -25.57 -29.54
N SER A 173 -19.15 -26.56 -30.01
CA SER A 173 -18.67 -27.93 -30.16
C SER A 173 -18.28 -28.21 -31.61
N SER A 174 -17.12 -28.84 -31.81
CA SER A 174 -16.65 -29.15 -33.15
C SER A 174 -17.66 -30.07 -33.85
N VAL A 175 -18.46 -30.78 -33.06
CA VAL A 175 -19.47 -31.67 -33.60
C VAL A 175 -20.87 -31.21 -33.16
N GLY A 176 -20.97 -29.96 -32.75
CA GLY A 176 -22.25 -29.42 -32.33
C GLY A 176 -22.77 -30.05 -31.04
N PHE A 177 -23.94 -29.62 -30.60
CA PHE A 177 -24.54 -30.17 -29.40
C PHE A 177 -25.77 -30.99 -29.77
N GLY A 178 -26.10 -31.97 -28.94
CA GLY A 178 -27.27 -32.79 -29.21
C GLY A 178 -28.48 -32.24 -28.48
N ALA A 179 -28.24 -31.58 -27.37
CA ALA A 179 -29.30 -31.01 -26.55
C ALA A 179 -28.66 -29.91 -25.73
N VAL A 180 -29.34 -28.78 -25.57
CA VAL A 180 -28.80 -27.66 -24.81
C VAL A 180 -29.78 -27.20 -23.73
N ALA A 181 -29.26 -26.48 -22.75
CA ALA A 181 -30.08 -25.97 -21.66
C ALA A 181 -29.37 -24.88 -20.88
N ASN A 182 -30.12 -23.83 -20.54
CA ASN A 182 -29.61 -22.73 -19.74
C ASN A 182 -30.37 -22.85 -18.43
N GLY A 183 -29.77 -22.48 -17.31
CA GLY A 183 -30.48 -22.59 -16.05
C GLY A 183 -29.90 -21.81 -14.90
N TYR A 184 -30.58 -21.85 -13.75
CA TYR A 184 -30.11 -21.14 -12.56
C TYR A 184 -29.38 -22.12 -11.65
N VAL A 185 -28.17 -21.74 -11.26
CA VAL A 185 -27.34 -22.58 -10.38
C VAL A 185 -28.04 -22.90 -9.08
N GLY A 186 -28.12 -24.20 -8.77
CA GLY A 186 -28.73 -24.66 -7.55
C GLY A 186 -30.16 -25.15 -7.73
N THR A 187 -30.74 -24.92 -8.90
CA THR A 187 -32.11 -25.34 -9.15
C THR A 187 -32.33 -25.95 -10.53
N SER A 188 -31.85 -25.28 -11.57
CA SER A 188 -32.04 -25.77 -12.92
C SER A 188 -30.75 -25.89 -13.76
N ASP A 189 -29.60 -25.83 -13.09
CA ASP A 189 -28.33 -25.97 -13.79
C ASP A 189 -28.20 -27.44 -14.22
N GLY A 190 -27.30 -27.72 -15.15
CA GLY A 190 -27.12 -29.07 -15.63
C GLY A 190 -26.93 -30.17 -14.59
N TRP A 191 -25.96 -30.00 -13.69
CA TRP A 191 -25.71 -31.04 -12.69
C TRP A 191 -26.92 -31.29 -11.78
N THR A 192 -27.57 -30.23 -11.33
CA THR A 192 -28.73 -30.41 -10.46
C THR A 192 -29.79 -31.23 -11.21
N ASP A 193 -29.92 -30.97 -12.52
CA ASP A 193 -30.88 -31.68 -13.34
C ASP A 193 -30.47 -33.13 -13.59
N LEU A 194 -29.26 -33.33 -14.12
CA LEU A 194 -28.76 -34.67 -14.42
C LEU A 194 -28.63 -35.53 -13.18
N ALA A 195 -28.19 -34.94 -12.08
CA ALA A 195 -28.02 -35.69 -10.85
C ALA A 195 -29.33 -36.39 -10.46
N ALA A 196 -30.42 -35.63 -10.51
CA ALA A 196 -31.75 -36.13 -10.14
C ALA A 196 -32.21 -37.44 -10.79
N ASP A 197 -32.26 -37.47 -12.12
CA ASP A 197 -32.71 -38.66 -12.83
C ASP A 197 -31.75 -39.18 -13.90
N GLY A 198 -30.56 -38.57 -13.98
CA GLY A 198 -29.59 -38.98 -14.98
C GLY A 198 -30.10 -38.55 -16.33
N ARG A 199 -30.96 -37.53 -16.33
CA ARG A 199 -31.54 -37.05 -17.57
C ARG A 199 -31.59 -35.53 -17.59
N LEU A 200 -31.24 -34.94 -18.73
CA LEU A 200 -31.27 -33.49 -18.90
C LEU A 200 -32.69 -33.13 -19.27
N ASP A 201 -33.48 -32.74 -18.29
CA ASP A 201 -34.87 -32.39 -18.51
C ASP A 201 -35.08 -30.95 -18.96
N ASN A 202 -34.23 -30.04 -18.47
CA ASN A 202 -34.35 -28.64 -18.83
C ASN A 202 -33.90 -28.45 -20.28
N ALA A 203 -34.61 -27.60 -21.01
CA ALA A 203 -34.29 -27.33 -22.40
C ALA A 203 -34.40 -25.85 -22.69
N SER A 204 -34.44 -25.05 -21.63
CA SER A 204 -34.57 -23.61 -21.77
C SER A 204 -33.43 -23.01 -22.56
N ALA A 205 -33.78 -22.17 -23.53
CA ALA A 205 -32.80 -21.53 -24.38
C ALA A 205 -32.47 -20.16 -23.84
N THR A 206 -32.75 -19.94 -22.56
CA THR A 206 -32.47 -18.66 -21.93
C THR A 206 -32.54 -18.74 -20.41
N ALA A 207 -31.81 -17.86 -19.74
CA ALA A 207 -31.80 -17.82 -18.28
C ALA A 207 -31.05 -16.58 -17.83
N GLY A 208 -31.46 -16.05 -16.67
CA GLY A 208 -30.81 -14.86 -16.15
C GLY A 208 -31.55 -13.59 -16.52
N PRO A 209 -31.03 -12.42 -16.15
CA PRO A 209 -29.76 -12.26 -15.42
C PRO A 209 -29.76 -12.78 -13.98
N GLY A 210 -28.64 -13.37 -13.60
CA GLY A 210 -28.47 -13.92 -12.27
C GLY A 210 -27.32 -14.92 -12.34
N ASN A 211 -27.26 -15.83 -11.38
CA ASN A 211 -26.20 -16.83 -11.40
C ASN A 211 -26.71 -18.02 -12.21
N ILE A 212 -26.33 -18.05 -13.47
CA ILE A 212 -26.75 -19.11 -14.37
C ILE A 212 -25.60 -20.01 -14.81
N SER A 213 -25.95 -21.04 -15.55
CA SER A 213 -24.97 -21.97 -16.08
C SER A 213 -25.58 -22.55 -17.34
N GLN A 214 -24.74 -23.17 -18.16
CA GLN A 214 -25.20 -23.75 -19.40
C GLN A 214 -24.68 -25.18 -19.47
N THR A 215 -25.37 -26.02 -20.21
CA THR A 215 -24.98 -27.39 -20.36
C THR A 215 -25.35 -27.82 -21.79
N GLY A 216 -24.45 -28.59 -22.41
CA GLY A 216 -24.71 -29.05 -23.76
C GLY A 216 -24.31 -30.49 -23.94
N GLN A 217 -25.19 -31.28 -24.54
CA GLN A 217 -24.89 -32.69 -24.76
C GLN A 217 -24.01 -32.84 -25.98
N ILE A 218 -22.94 -33.61 -25.85
CA ILE A 218 -22.06 -33.83 -26.98
C ILE A 218 -22.41 -35.12 -27.68
N PRO A 219 -22.79 -35.04 -28.97
CA PRO A 219 -23.14 -36.27 -29.70
C PRO A 219 -21.90 -37.15 -29.77
N LEU A 220 -22.06 -38.43 -29.45
CA LEU A 220 -20.95 -39.38 -29.46
C LEU A 220 -20.88 -40.16 -30.77
N ALA A 221 -19.70 -40.67 -31.10
CA ALA A 221 -19.52 -41.43 -32.34
C ALA A 221 -19.69 -42.92 -32.12
N ALA A 222 -20.11 -43.62 -33.17
CA ALA A 222 -20.32 -45.07 -33.12
C ALA A 222 -18.98 -45.73 -32.83
N GLY A 223 -18.99 -46.70 -31.93
CA GLY A 223 -17.75 -47.37 -31.57
C GLY A 223 -17.35 -46.98 -30.17
N GLY A 224 -16.13 -47.35 -29.77
CA GLY A 224 -15.67 -47.05 -28.43
C GLY A 224 -15.48 -45.59 -28.03
N LYS A 225 -14.77 -44.82 -28.84
CA LYS A 225 -14.51 -43.43 -28.49
C LYS A 225 -14.94 -42.38 -29.47
N THR A 226 -14.97 -41.15 -28.97
CA THR A 226 -15.35 -40.01 -29.76
C THR A 226 -14.37 -38.87 -29.53
N GLU A 227 -13.90 -38.29 -30.62
CA GLU A 227 -12.97 -37.18 -30.55
C GLU A 227 -13.63 -35.89 -30.99
N PHE A 228 -13.43 -34.83 -30.22
CA PHE A 228 -14.01 -33.55 -30.55
C PHE A 228 -13.28 -32.45 -29.80
N SER A 229 -13.67 -31.21 -30.05
CA SER A 229 -13.05 -30.09 -29.36
C SER A 229 -14.08 -29.03 -29.07
N LEU A 230 -13.81 -28.23 -28.05
CA LEU A 230 -14.69 -27.14 -27.68
C LEU A 230 -13.91 -25.85 -27.85
N ALA A 231 -14.63 -24.79 -28.20
CA ALA A 231 -14.00 -23.49 -28.37
C ALA A 231 -14.82 -22.52 -27.54
N LEU A 232 -14.21 -21.95 -26.51
CA LEU A 232 -14.89 -20.99 -25.66
C LEU A 232 -14.32 -19.63 -26.05
N GLY A 233 -15.09 -18.88 -26.84
CA GLY A 233 -14.66 -17.57 -27.29
C GLY A 233 -15.19 -16.42 -26.45
N PHE A 234 -14.41 -15.33 -26.43
CA PHE A 234 -14.76 -14.14 -25.67
C PHE A 234 -14.82 -12.93 -26.58
N GLY A 235 -15.72 -11.99 -26.27
CA GLY A 235 -15.86 -10.78 -27.06
C GLY A 235 -16.56 -9.72 -26.24
N ALA A 236 -16.67 -8.51 -26.77
CA ALA A 236 -17.35 -7.42 -26.06
C ALA A 236 -18.85 -7.68 -26.08
N ASP A 237 -19.29 -8.49 -27.04
CA ASP A 237 -20.70 -8.83 -27.18
C ASP A 237 -20.87 -10.26 -27.68
N THR A 238 -22.11 -10.73 -27.65
CA THR A 238 -22.47 -12.08 -28.06
C THR A 238 -22.12 -12.42 -29.52
N ALA A 239 -22.30 -11.45 -30.41
CA ALA A 239 -21.99 -11.67 -31.83
C ALA A 239 -20.49 -11.90 -32.03
N GLU A 240 -19.68 -11.04 -31.42
CA GLU A 240 -18.23 -11.14 -31.53
C GLU A 240 -17.73 -12.47 -30.93
N ALA A 241 -18.19 -12.77 -29.72
CA ALA A 241 -17.79 -14.01 -29.04
C ALA A 241 -18.07 -15.23 -29.91
N LEU A 242 -19.26 -15.26 -30.51
CA LEU A 242 -19.65 -16.36 -31.36
C LEU A 242 -18.73 -16.43 -32.58
N ALA A 243 -18.59 -15.31 -33.27
CA ALA A 243 -17.75 -15.25 -34.47
C ALA A 243 -16.34 -15.70 -34.17
N THR A 244 -15.78 -15.22 -33.07
CA THR A 244 -14.43 -15.59 -32.68
C THR A 244 -14.28 -17.09 -32.37
N ALA A 245 -15.21 -17.65 -31.64
CA ALA A 245 -15.13 -19.07 -31.31
C ALA A 245 -15.23 -19.91 -32.57
N LYS A 246 -16.06 -19.46 -33.50
CA LYS A 246 -16.25 -20.17 -34.77
C LYS A 246 -14.97 -20.14 -35.60
N ALA A 247 -14.31 -18.99 -35.65
CA ALA A 247 -13.06 -18.87 -36.40
C ALA A 247 -12.05 -19.91 -35.89
N SER A 248 -11.94 -20.05 -34.57
CA SER A 248 -11.04 -21.03 -33.97
C SER A 248 -11.36 -22.44 -34.44
N LEU A 249 -12.64 -22.82 -34.38
CA LEU A 249 -13.02 -24.15 -34.83
C LEU A 249 -12.76 -24.28 -36.34
N GLY A 250 -12.82 -23.15 -37.05
CA GLY A 250 -12.60 -23.16 -38.48
C GLY A 250 -11.16 -23.53 -38.81
N THR A 251 -10.24 -23.13 -37.93
CA THR A 251 -8.82 -23.42 -38.09
C THR A 251 -8.59 -24.84 -37.57
N GLY A 252 -9.30 -25.20 -36.50
CA GLY A 252 -9.18 -26.54 -35.94
C GLY A 252 -8.25 -26.65 -34.74
N TYR A 253 -8.56 -27.57 -33.83
CA TYR A 253 -7.75 -27.78 -32.64
C TYR A 253 -6.28 -28.07 -32.94
N LYS A 254 -6.03 -29.15 -33.68
CA LYS A 254 -4.66 -29.54 -34.01
C LYS A 254 -3.81 -28.36 -34.50
N LYS A 255 -4.32 -27.63 -35.48
CA LYS A 255 -3.61 -26.49 -36.04
C LYS A 255 -3.35 -25.41 -34.97
N VAL A 256 -4.41 -24.99 -34.29
CA VAL A 256 -4.28 -23.97 -33.24
C VAL A 256 -3.29 -24.44 -32.17
N SER A 257 -3.43 -25.70 -31.80
CA SER A 257 -2.59 -26.30 -30.78
C SER A 257 -1.11 -26.15 -31.15
N LYS A 258 -0.76 -26.63 -32.34
CA LYS A 258 0.62 -26.55 -32.82
C LYS A 258 1.11 -25.10 -32.75
N SER A 259 0.26 -24.20 -33.25
CA SER A 259 0.57 -22.77 -33.27
C SER A 259 0.81 -22.22 -31.86
N TYR A 260 0.01 -22.66 -30.89
CA TYR A 260 0.14 -22.20 -29.52
C TYR A 260 1.44 -22.70 -28.91
N THR A 261 1.67 -24.00 -29.07
CA THR A 261 2.87 -24.66 -28.56
C THR A 261 4.11 -24.11 -29.26
N GLY A 262 3.98 -23.86 -30.56
CA GLY A 262 5.09 -23.33 -31.32
C GLY A 262 5.58 -21.99 -30.83
N GLU A 263 4.66 -21.09 -30.53
CA GLU A 263 5.05 -19.76 -30.05
C GLU A 263 5.88 -19.84 -28.79
N TRP A 264 5.45 -20.67 -27.85
CA TRP A 264 6.20 -20.80 -26.59
C TRP A 264 7.56 -21.44 -26.81
N LYS A 265 7.61 -22.46 -27.66
CA LYS A 265 8.85 -23.15 -27.96
C LYS A 265 9.87 -22.16 -28.48
N LYS A 266 9.42 -21.29 -29.38
CA LYS A 266 10.27 -20.28 -29.97
C LYS A 266 10.72 -19.26 -28.91
N TYR A 267 9.77 -18.80 -28.09
CA TYR A 267 10.10 -17.83 -27.05
C TYR A 267 11.22 -18.36 -26.16
N LEU A 268 11.03 -19.55 -25.58
CA LEU A 268 12.03 -20.16 -24.72
C LEU A 268 13.36 -20.32 -25.44
N ASN A 269 13.31 -20.91 -26.63
CA ASN A 269 14.52 -21.14 -27.40
C ASN A 269 15.27 -19.88 -27.83
N SER A 270 14.61 -18.73 -27.78
CA SER A 270 15.26 -17.49 -28.17
C SER A 270 15.92 -16.82 -26.97
N LEU A 271 15.55 -17.24 -25.77
CA LEU A 271 16.11 -16.64 -24.56
C LEU A 271 17.39 -17.33 -24.08
N ASP A 272 18.10 -16.67 -23.17
CA ASP A 272 19.36 -17.19 -22.65
C ASP A 272 19.27 -18.64 -22.21
N ALA A 273 20.25 -19.43 -22.62
CA ALA A 273 20.30 -20.85 -22.28
C ALA A 273 20.62 -20.99 -20.80
N PRO A 274 19.78 -21.74 -20.07
CA PRO A 274 19.98 -21.95 -18.63
C PRO A 274 21.21 -22.78 -18.28
N ALA A 275 21.60 -22.73 -17.01
CA ALA A 275 22.76 -23.45 -16.53
C ALA A 275 22.66 -24.92 -16.93
N THR A 276 23.77 -25.45 -17.43
CA THR A 276 23.82 -26.83 -17.86
C THR A 276 23.67 -27.76 -16.67
N SER A 277 24.04 -27.27 -15.49
CA SER A 277 23.95 -28.06 -14.26
C SER A 277 22.52 -28.28 -13.77
N LEU A 278 21.53 -27.83 -14.53
CA LEU A 278 20.16 -28.04 -14.12
C LEU A 278 19.68 -29.41 -14.56
N THR A 279 19.33 -30.26 -13.59
CA THR A 279 18.84 -31.59 -13.89
C THR A 279 17.60 -31.48 -14.79
N GLY A 280 17.12 -32.61 -15.31
CA GLY A 280 15.95 -32.58 -16.16
C GLY A 280 14.76 -31.87 -15.53
N ALA A 281 14.40 -32.29 -14.31
CA ALA A 281 13.27 -31.71 -13.60
C ALA A 281 13.47 -30.23 -13.27
N LEU A 282 14.70 -29.86 -12.93
CA LEU A 282 14.97 -28.45 -12.61
C LEU A 282 14.92 -27.59 -13.85
N ARG A 283 15.15 -28.20 -15.01
CA ARG A 283 15.11 -27.47 -16.27
C ARG A 283 13.65 -27.27 -16.69
N THR A 284 12.86 -28.33 -16.58
CA THR A 284 11.46 -28.23 -16.94
C THR A 284 10.78 -27.21 -16.01
N GLN A 285 11.16 -27.21 -14.74
CA GLN A 285 10.60 -26.27 -13.77
C GLN A 285 10.96 -24.86 -14.23
N TYR A 286 12.22 -24.69 -14.62
CA TYR A 286 12.71 -23.40 -15.10
C TYR A 286 11.87 -22.94 -16.29
N ASP A 287 11.67 -23.84 -17.25
CA ASP A 287 10.91 -23.52 -18.44
C ASP A 287 9.45 -23.15 -18.15
N VAL A 288 8.79 -23.94 -17.31
CA VAL A 288 7.40 -23.65 -16.94
C VAL A 288 7.30 -22.38 -16.08
N SER A 289 8.24 -22.17 -15.17
CA SER A 289 8.22 -20.98 -14.33
C SER A 289 8.43 -19.72 -15.18
N LEU A 290 9.29 -19.83 -16.19
CA LEU A 290 9.58 -18.72 -17.09
C LEU A 290 8.33 -18.34 -17.88
N MET A 291 7.71 -19.33 -18.53
CA MET A 291 6.51 -19.09 -19.32
C MET A 291 5.40 -18.52 -18.46
N THR A 292 5.29 -19.02 -17.22
CA THR A 292 4.26 -18.57 -16.31
C THR A 292 4.45 -17.09 -15.96
N VAL A 293 5.68 -16.68 -15.70
CA VAL A 293 5.97 -15.29 -15.38
C VAL A 293 5.57 -14.41 -16.56
N LYS A 294 5.90 -14.87 -17.77
CA LYS A 294 5.60 -14.13 -18.98
C LYS A 294 4.09 -14.05 -19.17
N SER A 295 3.39 -15.12 -18.76
CA SER A 295 1.95 -15.19 -18.89
C SER A 295 1.20 -14.25 -17.95
N HIS A 296 1.91 -13.67 -16.99
CA HIS A 296 1.28 -12.76 -16.05
C HIS A 296 1.31 -11.33 -16.57
N GLU A 297 1.83 -11.17 -17.78
CA GLU A 297 1.88 -9.86 -18.39
C GLU A 297 0.58 -9.62 -19.16
N ASP A 298 -0.02 -8.46 -18.98
CA ASP A 298 -1.25 -8.15 -19.67
C ASP A 298 -0.99 -7.96 -21.16
N LYS A 299 -2.02 -8.15 -21.97
CA LYS A 299 -1.90 -8.00 -23.42
C LYS A 299 -2.40 -6.64 -23.91
N THR A 300 -3.34 -6.06 -23.18
CA THR A 300 -3.91 -4.76 -23.55
C THR A 300 -2.99 -3.63 -23.09
N PHE A 301 -2.29 -3.87 -21.99
CA PHE A 301 -1.36 -2.90 -21.43
C PHE A 301 -0.01 -3.59 -21.29
N PRO A 302 0.70 -3.80 -22.40
CA PRO A 302 2.02 -4.45 -22.36
C PRO A 302 2.93 -3.76 -21.35
N GLY A 303 3.59 -4.57 -20.52
CA GLY A 303 4.48 -4.03 -19.50
C GLY A 303 3.86 -4.12 -18.12
N ALA A 304 2.56 -4.38 -18.06
CA ALA A 304 1.88 -4.50 -16.77
C ALA A 304 1.78 -5.97 -16.38
N PHE A 305 2.15 -6.28 -15.14
CA PHE A 305 2.10 -7.67 -14.67
C PHE A 305 1.20 -7.85 -13.46
N ILE A 306 0.22 -8.77 -13.54
CA ILE A 306 -0.61 -8.97 -12.36
C ILE A 306 0.15 -9.95 -11.47
N ALA A 307 -0.14 -9.91 -10.17
CA ALA A 307 0.53 -10.77 -9.19
C ALA A 307 0.29 -12.26 -9.39
N SER A 308 -0.96 -12.64 -9.62
CA SER A 308 -1.26 -14.05 -9.81
C SER A 308 -2.66 -14.28 -10.35
N LEU A 309 -2.75 -15.18 -11.32
CA LEU A 309 -4.01 -15.52 -11.97
C LEU A 309 -4.84 -16.37 -11.02
N THR A 310 -5.05 -15.90 -9.81
CA THR A 310 -5.79 -16.69 -8.84
C THR A 310 -6.46 -15.86 -7.75
N ILE A 311 -7.21 -16.55 -6.91
CA ILE A 311 -7.92 -15.95 -5.79
C ILE A 311 -7.63 -16.87 -4.60
N PRO A 312 -6.83 -16.39 -3.63
CA PRO A 312 -6.50 -17.22 -2.47
C PRO A 312 -7.73 -17.73 -1.73
N TRP A 313 -7.73 -19.02 -1.43
CA TRP A 313 -8.85 -19.65 -0.72
C TRP A 313 -10.15 -19.32 -1.46
N GLY A 314 -10.06 -19.33 -2.79
CA GLY A 314 -11.18 -19.01 -3.64
C GLY A 314 -12.48 -19.74 -3.42
N GLN A 315 -12.43 -20.96 -2.91
CA GLN A 315 -13.67 -21.71 -2.67
C GLN A 315 -14.48 -21.11 -1.52
N ALA A 316 -13.87 -20.18 -0.79
CA ALA A 316 -14.55 -19.53 0.34
C ALA A 316 -14.71 -18.03 0.09
N ALA A 317 -14.39 -17.61 -1.12
CA ALA A 317 -14.51 -16.21 -1.49
C ALA A 317 -15.76 -16.03 -2.35
N SER A 318 -16.73 -15.27 -1.82
CA SER A 318 -17.97 -15.04 -2.56
C SER A 318 -17.64 -14.33 -3.86
N ALA A 319 -18.44 -14.57 -4.88
CA ALA A 319 -18.21 -13.98 -6.19
C ALA A 319 -19.27 -12.98 -6.66
N GLU A 320 -20.18 -12.59 -5.76
CA GLU A 320 -21.23 -11.64 -6.11
C GLU A 320 -20.69 -10.25 -6.42
N THR A 321 -19.70 -9.81 -5.64
CA THR A 321 -19.12 -8.49 -5.82
C THR A 321 -17.72 -8.49 -6.42
N HIS A 322 -17.42 -7.47 -7.21
CA HIS A 322 -16.11 -7.33 -7.82
C HIS A 322 -15.03 -7.49 -6.76
N ARG A 323 -14.14 -8.46 -6.97
CA ARG A 323 -13.06 -8.74 -6.03
C ARG A 323 -11.68 -8.59 -6.67
N GLU A 324 -10.69 -8.25 -5.88
CA GLU A 324 -9.33 -8.07 -6.38
C GLU A 324 -8.53 -9.36 -6.39
N GLY A 325 -8.67 -10.16 -5.34
CA GLY A 325 -7.92 -11.40 -5.24
C GLY A 325 -6.44 -11.09 -5.36
N TYR A 326 -5.74 -11.89 -6.15
CA TYR A 326 -4.30 -11.68 -6.39
C TYR A 326 -4.12 -11.23 -7.83
N HIS A 327 -5.21 -11.20 -8.59
CA HIS A 327 -5.17 -10.79 -9.99
C HIS A 327 -5.24 -9.29 -10.21
N ALA A 328 -4.23 -8.59 -9.70
CA ALA A 328 -4.10 -7.14 -9.83
C ALA A 328 -2.62 -6.81 -9.96
N VAL A 329 -2.29 -5.55 -10.16
CA VAL A 329 -0.89 -5.15 -10.31
C VAL A 329 -0.22 -4.55 -9.06
N TRP A 330 0.77 -5.26 -8.52
CA TRP A 330 1.55 -4.82 -7.36
C TRP A 330 2.94 -4.47 -7.89
N ALA A 331 3.43 -3.27 -7.60
CA ALA A 331 4.75 -2.89 -8.09
C ALA A 331 5.81 -3.88 -7.63
N ARG A 332 5.70 -4.37 -6.40
CA ARG A 332 6.68 -5.32 -5.88
C ARG A 332 6.77 -6.62 -6.69
N ASP A 333 5.65 -7.34 -6.81
CA ASP A 333 5.62 -8.59 -7.55
C ASP A 333 6.04 -8.40 -9.00
N MET A 334 5.70 -7.25 -9.57
CA MET A 334 6.05 -6.96 -10.95
C MET A 334 7.57 -6.89 -11.03
N TYR A 335 8.17 -6.22 -10.04
CA TYR A 335 9.61 -6.09 -9.96
C TYR A 335 10.21 -7.49 -10.02
N GLN A 336 9.67 -8.39 -9.21
CA GLN A 336 10.14 -9.76 -9.15
C GLN A 336 10.00 -10.41 -10.53
N SER A 337 8.88 -10.16 -11.20
CA SER A 337 8.62 -10.73 -12.52
C SER A 337 9.52 -10.25 -13.65
N VAL A 338 9.68 -8.94 -13.78
CA VAL A 338 10.53 -8.40 -14.85
C VAL A 338 12.00 -8.63 -14.57
N THR A 339 12.33 -8.68 -13.29
CA THR A 339 13.71 -8.90 -12.90
C THR A 339 14.07 -10.35 -13.27
N ALA A 340 13.08 -11.24 -13.19
CA ALA A 340 13.28 -12.64 -13.55
C ALA A 340 13.35 -12.79 -15.07
N LEU A 341 12.51 -12.06 -15.78
CA LEU A 341 12.51 -12.10 -17.24
C LEU A 341 13.81 -11.49 -17.76
N LEU A 342 14.29 -10.49 -17.04
CA LEU A 342 15.53 -9.81 -17.39
C LEU A 342 16.67 -10.82 -17.24
N ALA A 343 16.58 -11.68 -16.23
CA ALA A 343 17.60 -12.68 -16.00
C ALA A 343 17.63 -13.72 -17.12
N ALA A 344 16.47 -13.98 -17.71
CA ALA A 344 16.35 -14.95 -18.78
C ALA A 344 16.64 -14.40 -20.18
N GLY A 345 16.62 -13.07 -20.32
CA GLY A 345 16.91 -12.47 -21.62
C GLY A 345 15.81 -11.69 -22.31
N ASP A 346 14.66 -11.54 -21.65
CA ASP A 346 13.55 -10.80 -22.25
C ASP A 346 13.65 -9.32 -21.88
N GLU A 347 14.43 -8.57 -22.68
CA GLU A 347 14.64 -7.15 -22.43
C GLU A 347 13.42 -6.31 -22.76
N GLU A 348 12.71 -6.69 -23.81
CA GLU A 348 11.54 -5.96 -24.23
C GLU A 348 10.51 -5.81 -23.11
N ALA A 349 10.20 -6.93 -22.46
CA ALA A 349 9.23 -6.93 -21.36
C ALA A 349 9.60 -5.93 -20.27
N ALA A 350 10.89 -5.85 -19.95
CA ALA A 350 11.36 -4.92 -18.92
C ALA A 350 11.18 -3.47 -19.36
N ALA A 351 11.52 -3.18 -20.62
CA ALA A 351 11.37 -1.82 -21.13
C ALA A 351 9.90 -1.41 -21.09
N ARG A 352 9.01 -2.32 -21.51
CA ARG A 352 7.59 -2.01 -21.47
C ARG A 352 7.18 -1.84 -20.01
N GLY A 353 7.64 -2.75 -19.17
CA GLY A 353 7.33 -2.68 -17.76
C GLY A 353 7.66 -1.33 -17.13
N VAL A 354 8.90 -0.88 -17.30
CA VAL A 354 9.34 0.39 -16.73
C VAL A 354 8.48 1.55 -17.25
N GLU A 355 8.19 1.51 -18.54
CA GLU A 355 7.38 2.53 -19.18
C GLU A 355 5.97 2.55 -18.59
N TRP A 356 5.35 1.38 -18.50
CA TRP A 356 3.99 1.29 -17.96
C TRP A 356 3.91 1.74 -16.50
N LEU A 357 4.87 1.32 -15.70
CA LEU A 357 4.90 1.67 -14.30
C LEU A 357 4.84 3.18 -14.08
N PHE A 358 5.77 3.90 -14.71
CA PHE A 358 5.83 5.34 -14.54
C PHE A 358 4.75 6.12 -15.28
N THR A 359 4.29 5.59 -16.40
CA THR A 359 3.26 6.28 -17.15
C THR A 359 1.87 6.02 -16.56
N TYR A 360 1.54 4.77 -16.30
CA TYR A 360 0.22 4.42 -15.80
C TYR A 360 -0.04 4.25 -14.30
N GLN A 361 0.89 3.68 -13.55
CA GLN A 361 0.64 3.46 -12.13
C GLN A 361 1.13 4.55 -11.20
N GLN A 362 2.23 5.20 -11.57
CA GLN A 362 2.78 6.26 -10.73
C GLN A 362 1.76 7.37 -10.50
N GLN A 363 1.61 7.76 -9.24
CA GLN A 363 0.68 8.81 -8.85
C GLN A 363 1.37 10.15 -9.10
N PRO A 364 0.57 11.23 -9.22
CA PRO A 364 1.15 12.55 -9.46
C PRO A 364 2.15 13.06 -8.42
N ASP A 365 2.07 12.57 -7.19
CA ASP A 365 3.02 13.03 -6.17
C ASP A 365 4.37 12.31 -6.24
N GLY A 366 4.46 11.31 -7.12
CA GLY A 366 5.70 10.57 -7.28
C GLY A 366 5.74 9.13 -6.80
N HIS A 367 4.94 8.80 -5.79
CA HIS A 367 4.92 7.44 -5.24
C HIS A 367 4.00 6.51 -6.00
N PHE A 368 4.17 5.22 -5.74
CA PHE A 368 3.37 4.20 -6.38
C PHE A 368 2.29 3.67 -5.44
N PRO A 369 1.07 3.50 -5.95
CA PRO A 369 -0.03 3.00 -5.11
C PRO A 369 0.28 1.57 -4.72
N GLN A 370 -0.38 1.10 -3.65
CA GLN A 370 -0.17 -0.25 -3.17
C GLN A 370 -0.54 -1.25 -4.26
N THR A 371 -1.63 -0.94 -4.94
CA THR A 371 -2.16 -1.80 -5.98
C THR A 371 -2.84 -1.00 -7.08
N SER A 372 -3.00 -1.61 -8.24
CA SER A 372 -3.66 -0.93 -9.34
C SER A 372 -4.23 -1.95 -10.29
N ARG A 373 -5.06 -1.46 -11.22
CA ARG A 373 -5.67 -2.28 -12.25
C ARG A 373 -4.67 -2.24 -13.40
N VAL A 374 -4.81 -3.11 -14.40
CA VAL A 374 -3.87 -3.10 -15.51
C VAL A 374 -3.80 -1.76 -16.24
N ASP A 375 -4.87 -0.98 -16.15
CA ASP A 375 -4.92 0.32 -16.80
C ASP A 375 -4.37 1.42 -15.90
N GLY A 376 -3.92 1.04 -14.71
CA GLY A 376 -3.37 2.01 -13.79
C GLY A 376 -4.36 2.53 -12.76
N THR A 377 -5.63 2.18 -12.91
CA THR A 377 -6.65 2.64 -11.96
C THR A 377 -6.28 2.11 -10.58
N ILE A 378 -6.03 3.04 -9.67
CA ILE A 378 -5.64 2.71 -8.31
C ILE A 378 -6.60 1.74 -7.63
N GLY A 379 -6.04 0.75 -6.95
CA GLY A 379 -6.84 -0.23 -6.22
C GLY A 379 -6.68 0.05 -4.74
N GLN A 380 -5.78 -0.65 -4.08
CA GLN A 380 -5.55 -0.43 -2.67
C GLN A 380 -4.67 0.80 -2.58
N ASN A 381 -4.83 1.57 -1.51
CA ASN A 381 -4.10 2.81 -1.34
C ASN A 381 -3.11 2.87 -0.18
N GLY A 382 -2.65 1.72 0.29
CA GLY A 382 -1.68 1.74 1.37
C GLY A 382 -0.37 2.27 0.83
N ILE A 383 0.48 2.80 1.72
CA ILE A 383 1.77 3.33 1.28
C ILE A 383 2.92 2.34 1.60
N GLN A 384 3.45 1.69 0.57
CA GLN A 384 4.56 0.77 0.73
C GLN A 384 5.74 1.38 -0.01
N LEU A 385 6.71 1.89 0.73
CA LEU A 385 7.86 2.54 0.09
C LEU A 385 8.67 1.66 -0.86
N ASP A 386 8.65 0.34 -0.67
CA ASP A 386 9.40 -0.53 -1.57
C ASP A 386 8.78 -0.56 -2.96
N GLU A 387 7.48 -0.24 -3.06
CA GLU A 387 6.77 -0.23 -4.33
C GLU A 387 7.10 1.01 -5.16
N THR A 388 7.73 1.99 -4.53
CA THR A 388 8.15 3.19 -5.26
C THR A 388 9.64 3.01 -5.57
N ALA A 389 10.32 2.23 -4.72
CA ALA A 389 11.74 1.98 -4.87
C ALA A 389 12.04 0.99 -6.01
N PHE A 390 11.30 -0.12 -6.05
CA PHE A 390 11.56 -1.13 -7.07
C PHE A 390 11.45 -0.59 -8.49
N PRO A 391 10.38 0.16 -8.81
CA PRO A 391 10.37 0.66 -10.18
C PRO A 391 11.62 1.48 -10.50
N ILE A 392 12.15 2.19 -9.51
CA ILE A 392 13.36 2.98 -9.73
C ILE A 392 14.53 2.04 -10.03
N LEU A 393 14.64 0.97 -9.24
CA LEU A 393 15.71 -0.01 -9.42
C LEU A 393 15.59 -0.71 -10.77
N LEU A 394 14.37 -0.83 -11.27
CA LEU A 394 14.11 -1.46 -12.56
C LEU A 394 14.65 -0.52 -13.65
N ALA A 395 14.39 0.78 -13.50
CA ALA A 395 14.89 1.76 -14.46
C ALA A 395 16.41 1.82 -14.43
N ASN A 396 16.98 1.57 -13.25
CA ASN A 396 18.43 1.59 -13.11
C ASN A 396 19.05 0.40 -13.85
N GLN A 397 18.46 -0.78 -13.67
CA GLN A 397 18.99 -1.98 -14.30
C GLN A 397 18.90 -1.96 -15.84
N ILE A 398 17.84 -1.33 -16.34
CA ILE A 398 17.53 -1.24 -17.77
C ILE A 398 18.18 -0.10 -18.55
N GLY A 399 18.74 0.88 -17.84
CA GLY A 399 19.35 2.00 -18.52
C GLY A 399 18.35 3.09 -18.91
N ARG A 400 17.10 2.97 -18.47
CA ARG A 400 16.10 3.98 -18.79
C ARG A 400 16.47 5.19 -17.95
N THR A 401 17.42 5.98 -18.46
CA THR A 401 17.91 7.15 -17.75
C THR A 401 17.97 8.45 -18.55
N ASP A 402 17.22 8.52 -19.65
CA ASP A 402 17.20 9.71 -20.50
C ASP A 402 16.71 10.91 -19.70
N ALA A 403 17.26 12.10 -20.00
CA ALA A 403 16.92 13.34 -19.30
C ALA A 403 15.43 13.59 -19.08
N GLY A 404 14.61 13.27 -20.07
CA GLY A 404 13.18 13.47 -19.92
C GLY A 404 12.60 12.56 -18.87
N PHE A 405 12.91 11.28 -18.97
CA PHE A 405 12.43 10.29 -18.02
C PHE A 405 12.93 10.63 -16.62
N TYR A 406 14.11 11.22 -16.53
CA TYR A 406 14.66 11.57 -15.23
C TYR A 406 13.87 12.69 -14.56
N ARG A 407 13.68 13.81 -15.27
CA ARG A 407 12.96 14.96 -14.74
C ARG A 407 11.50 14.72 -14.36
N ASN A 408 10.75 14.15 -15.29
CA ASN A 408 9.32 13.93 -15.12
C ASN A 408 8.88 12.61 -14.52
N GLU A 409 9.78 11.64 -14.51
CA GLU A 409 9.43 10.31 -14.02
C GLU A 409 10.22 9.86 -12.79
N LEU A 410 11.50 9.63 -13.01
CA LEU A 410 12.41 9.18 -11.97
C LEU A 410 12.55 10.13 -10.78
N LYS A 411 12.86 11.40 -11.05
CA LYS A 411 13.04 12.40 -9.99
C LYS A 411 11.87 12.53 -9.04
N PRO A 412 10.63 12.58 -9.56
CA PRO A 412 9.54 12.69 -8.57
C PRO A 412 9.47 11.48 -7.65
N ALA A 413 9.79 10.30 -8.19
CA ALA A 413 9.79 9.08 -7.39
C ALA A 413 10.87 9.14 -6.31
N ALA A 414 12.06 9.59 -6.69
CA ALA A 414 13.18 9.67 -5.76
C ALA A 414 12.94 10.75 -4.70
N ASP A 415 12.34 11.87 -5.11
CA ASP A 415 12.05 12.97 -4.20
C ASP A 415 11.06 12.48 -3.15
N TYR A 416 10.12 11.65 -3.58
CA TYR A 416 9.13 11.12 -2.66
C TYR A 416 9.81 10.33 -1.54
N LEU A 417 10.74 9.46 -1.92
CA LEU A 417 11.47 8.66 -0.95
C LEU A 417 12.23 9.56 0.04
N VAL A 418 12.87 10.61 -0.47
CA VAL A 418 13.60 11.53 0.40
C VAL A 418 12.63 12.21 1.36
N ALA A 419 11.48 12.65 0.83
CA ALA A 419 10.50 13.32 1.68
C ALA A 419 9.84 12.34 2.66
N ALA A 420 9.61 11.10 2.24
CA ALA A 420 8.96 10.09 3.09
C ALA A 420 9.77 9.69 4.32
N GLY A 421 11.08 9.89 4.28
CA GLY A 421 11.90 9.52 5.43
C GLY A 421 12.19 8.03 5.44
N PRO A 422 13.00 7.53 6.38
CA PRO A 422 13.33 6.10 6.42
C PRO A 422 12.23 5.10 6.85
N LYS A 423 11.21 5.57 7.58
CA LYS A 423 10.14 4.68 8.03
C LYS A 423 9.06 4.46 6.98
N THR A 424 8.67 3.21 6.78
CA THR A 424 7.64 2.89 5.80
C THR A 424 6.33 2.61 6.50
N PRO A 425 5.22 3.15 5.98
CA PRO A 425 3.97 2.86 6.68
C PRO A 425 3.61 1.38 6.62
N GLN A 426 3.96 0.74 5.51
CA GLN A 426 3.72 -0.69 5.35
C GLN A 426 4.92 -1.33 4.68
N GLU A 427 5.31 -2.51 5.19
CA GLU A 427 6.45 -3.25 4.62
C GLU A 427 5.89 -4.23 3.58
N ARG A 428 6.73 -5.12 3.05
CA ARG A 428 6.27 -6.02 1.99
C ARG A 428 5.13 -6.99 2.28
N TRP A 429 4.89 -7.32 3.54
CA TRP A 429 3.78 -8.21 3.87
C TRP A 429 2.51 -7.36 4.02
N GLU A 430 2.66 -6.06 3.80
CA GLU A 430 1.57 -5.09 3.80
C GLU A 430 0.75 -5.02 5.07
N GLU A 431 1.41 -5.02 6.23
CA GLU A 431 0.70 -5.03 7.51
C GLU A 431 1.05 -3.93 8.52
N THR A 432 2.34 -3.68 8.74
CA THR A 432 2.77 -2.67 9.70
C THR A 432 3.86 -1.76 9.18
N GLY A 433 4.12 -0.69 9.94
CA GLY A 433 5.12 0.27 9.54
C GLY A 433 6.26 0.45 10.52
N GLY A 434 7.23 1.28 10.11
CA GLY A 434 8.39 1.54 10.93
C GLY A 434 9.65 1.28 10.12
N TYR A 435 10.77 1.09 10.82
CA TYR A 435 12.03 0.81 10.15
C TYR A 435 12.05 -0.65 9.75
N SER A 436 11.81 -0.93 8.48
CA SER A 436 11.80 -2.29 7.95
C SER A 436 13.12 -2.63 7.28
N THR A 437 13.72 -3.75 7.66
CA THR A 437 15.00 -4.16 7.07
C THR A 437 14.78 -4.38 5.58
N SER A 438 13.73 -5.13 5.29
CA SER A 438 13.33 -5.46 3.93
C SER A 438 13.13 -4.21 3.06
N THR A 439 12.31 -3.28 3.53
CA THR A 439 12.01 -2.07 2.78
C THR A 439 13.13 -1.03 2.76
N LEU A 440 13.82 -0.85 3.88
CA LEU A 440 14.90 0.13 3.91
C LEU A 440 16.02 -0.28 2.97
N ALA A 441 16.13 -1.57 2.71
CA ALA A 441 17.15 -2.08 1.80
C ALA A 441 16.88 -1.55 0.39
N SER A 442 15.62 -1.59 -0.01
CA SER A 442 15.20 -1.12 -1.32
C SER A 442 15.24 0.40 -1.37
N GLN A 443 14.95 1.05 -0.25
CA GLN A 443 14.96 2.51 -0.18
C GLN A 443 16.37 3.03 -0.45
N ILE A 444 17.34 2.42 0.22
CA ILE A 444 18.74 2.79 0.09
C ILE A 444 19.28 2.53 -1.32
N ALA A 445 19.02 1.35 -1.85
CA ALA A 445 19.49 1.00 -3.18
C ALA A 445 18.84 1.88 -4.24
N ALA A 446 17.56 2.20 -4.04
CA ALA A 446 16.84 3.03 -5.00
C ALA A 446 17.41 4.44 -5.02
N LEU A 447 17.70 4.96 -3.83
CA LEU A 447 18.25 6.31 -3.72
C LEU A 447 19.67 6.40 -4.23
N ALA A 448 20.47 5.36 -4.01
CA ALA A 448 21.85 5.37 -4.47
C ALA A 448 21.88 5.26 -5.99
N ALA A 449 20.95 4.51 -6.55
CA ALA A 449 20.89 4.37 -8.00
C ALA A 449 20.44 5.69 -8.60
N ALA A 450 19.44 6.31 -7.96
CA ALA A 450 18.89 7.57 -8.41
C ALA A 450 19.94 8.67 -8.39
N ALA A 451 20.87 8.59 -7.44
CA ALA A 451 21.93 9.59 -7.35
C ALA A 451 22.82 9.49 -8.58
N ASP A 452 23.15 8.26 -8.98
CA ASP A 452 24.00 8.09 -10.16
C ASP A 452 23.24 8.52 -11.40
N ILE A 453 21.95 8.21 -11.44
CA ILE A 453 21.12 8.58 -12.57
C ILE A 453 21.04 10.10 -12.67
N ALA A 454 20.91 10.77 -11.53
CA ALA A 454 20.82 12.22 -11.50
C ALA A 454 22.16 12.84 -11.88
N GLY A 455 23.25 12.25 -11.38
CA GLY A 455 24.57 12.76 -11.69
C GLY A 455 24.84 12.65 -13.18
N LYS A 456 24.43 11.56 -13.79
CA LYS A 456 24.62 11.35 -15.22
C LYS A 456 23.93 12.45 -16.00
N ASN A 457 22.76 12.88 -15.50
CA ASN A 457 21.97 13.92 -16.14
C ASN A 457 22.37 15.35 -15.75
N GLY A 458 23.55 15.50 -15.17
CA GLY A 458 24.02 16.82 -14.79
C GLY A 458 23.34 17.50 -13.62
N ASP A 459 22.54 16.77 -12.87
CA ASP A 459 21.84 17.32 -11.71
C ASP A 459 22.62 16.93 -10.45
N ALA A 460 23.77 17.56 -10.24
CA ALA A 460 24.64 17.28 -9.10
C ALA A 460 23.97 17.52 -7.74
N GLY A 461 23.09 18.53 -7.68
CA GLY A 461 22.40 18.85 -6.45
C GLY A 461 21.51 17.72 -5.97
N SER A 462 20.67 17.20 -6.85
CA SER A 462 19.76 16.12 -6.49
C SER A 462 20.55 14.84 -6.25
N ALA A 463 21.67 14.67 -6.95
CA ALA A 463 22.49 13.48 -6.79
C ALA A 463 23.04 13.40 -5.37
N ALA A 464 23.52 14.54 -4.86
CA ALA A 464 24.09 14.63 -3.52
C ALA A 464 23.04 14.36 -2.43
N VAL A 465 21.86 14.89 -2.63
CA VAL A 465 20.77 14.71 -1.68
C VAL A 465 20.40 13.24 -1.59
N TYR A 466 20.32 12.58 -2.75
CA TYR A 466 19.99 11.17 -2.85
C TYR A 466 21.07 10.27 -2.26
N ARG A 467 22.33 10.56 -2.61
CA ARG A 467 23.44 9.76 -2.11
C ARG A 467 23.62 9.98 -0.62
N ALA A 468 23.60 11.25 -0.19
CA ALA A 468 23.78 11.57 1.21
C ALA A 468 22.72 10.86 2.06
N THR A 469 21.48 10.92 1.61
CA THR A 469 20.37 10.28 2.30
C THR A 469 20.55 8.77 2.35
N ALA A 470 20.82 8.19 1.18
CA ALA A 470 21.02 6.74 1.08
C ALA A 470 22.15 6.31 2.00
N ASP A 471 23.27 7.03 1.93
CA ASP A 471 24.42 6.73 2.77
C ASP A 471 24.04 6.77 4.27
N GLU A 472 23.34 7.81 4.67
CA GLU A 472 22.92 7.98 6.05
C GLU A 472 22.04 6.81 6.52
N TRP A 473 21.16 6.33 5.65
CA TRP A 473 20.29 5.21 6.03
C TRP A 473 21.06 3.89 6.03
N GLN A 474 22.01 3.76 5.11
CA GLN A 474 22.83 2.55 4.98
C GLN A 474 23.70 2.36 6.21
N ARG A 475 24.23 3.45 6.74
CA ARG A 475 25.09 3.37 7.92
C ARG A 475 24.28 3.31 9.21
N SER A 476 22.96 3.30 9.10
CA SER A 476 22.09 3.27 10.28
C SER A 476 21.29 1.96 10.37
N THR A 477 21.47 1.13 9.37
CA THR A 477 20.79 -0.15 9.30
C THR A 477 20.88 -0.94 10.59
N GLU A 478 22.08 -1.03 11.15
CA GLU A 478 22.27 -1.80 12.38
C GLU A 478 21.74 -1.08 13.62
N LYS A 479 21.94 0.23 13.69
CA LYS A 479 21.47 1.01 14.82
C LYS A 479 19.97 0.94 14.98
N TRP A 480 19.26 0.95 13.85
CA TRP A 480 17.81 0.93 13.86
C TRP A 480 17.10 -0.42 13.97
N MET A 481 17.65 -1.47 13.37
CA MET A 481 16.97 -2.76 13.36
C MET A 481 17.70 -4.00 13.85
N PHE A 482 18.96 -3.85 14.26
CA PHE A 482 19.70 -5.00 14.75
C PHE A 482 19.68 -5.01 16.27
N THR A 483 18.90 -5.92 16.84
CA THR A 483 18.80 -6.00 18.30
C THR A 483 19.97 -6.77 18.90
N THR A 484 20.24 -6.47 20.16
CA THR A 484 21.34 -7.10 20.88
C THR A 484 20.81 -7.74 22.15
N ASN A 485 19.50 -7.59 22.38
CA ASN A 485 18.89 -8.14 23.58
C ASN A 485 17.60 -8.90 23.26
N GLY A 486 17.55 -9.53 22.09
CA GLY A 486 16.37 -10.28 21.70
C GLY A 486 16.25 -11.59 22.45
N PRO A 487 15.01 -12.06 22.70
CA PRO A 487 14.76 -13.32 23.42
C PRO A 487 15.00 -14.60 22.60
N VAL A 488 15.94 -14.57 21.67
CA VAL A 488 16.24 -15.74 20.85
C VAL A 488 17.75 -15.92 20.73
N GLY A 489 18.22 -17.16 20.93
CA GLY A 489 19.64 -17.45 20.83
C GLY A 489 20.58 -16.51 21.54
N ASP A 490 21.54 -15.97 20.81
CA ASP A 490 22.51 -15.03 21.39
C ASP A 490 21.95 -13.62 21.59
N GLY A 491 20.71 -13.40 21.14
CA GLY A 491 20.09 -12.09 21.29
C GLY A 491 20.52 -11.06 20.25
N LYS A 492 21.48 -11.44 19.41
CA LYS A 492 22.01 -10.56 18.36
C LYS A 492 21.55 -11.00 16.98
N TYR A 493 20.72 -10.17 16.36
CA TYR A 493 20.18 -10.43 15.02
C TYR A 493 19.27 -9.28 14.58
N TYR A 494 19.00 -9.21 13.29
CA TYR A 494 18.11 -8.20 12.76
C TYR A 494 16.68 -8.64 13.10
N LEU A 495 15.85 -7.72 13.59
CA LEU A 495 14.46 -8.03 13.87
C LEU A 495 13.72 -7.67 12.58
N ARG A 496 12.43 -7.96 12.51
CA ARG A 496 11.66 -7.67 11.29
C ARG A 496 11.44 -6.18 11.06
N ILE A 497 11.01 -5.47 12.09
CA ILE A 497 10.73 -4.05 11.96
C ILE A 497 10.64 -3.41 13.34
N SER A 498 11.14 -2.18 13.45
CA SER A 498 11.13 -1.44 14.69
C SER A 498 10.33 -0.14 14.47
N ALA A 499 9.51 0.21 15.46
CA ALA A 499 8.68 1.41 15.35
C ALA A 499 9.43 2.68 15.71
N THR A 500 10.29 2.59 16.72
CA THR A 500 11.05 3.74 17.20
C THR A 500 12.45 3.82 16.65
N GLY A 501 12.97 2.70 16.18
CA GLY A 501 14.32 2.72 15.66
C GLY A 501 15.32 2.36 16.74
N ASN A 502 14.82 1.87 17.87
CA ASN A 502 15.70 1.40 18.94
C ASN A 502 15.37 -0.09 19.05
N PRO A 503 16.15 -0.93 18.36
CA PRO A 503 15.96 -2.38 18.34
C PRO A 503 16.01 -3.06 19.71
N ASN A 504 16.49 -2.36 20.72
CA ASN A 504 16.57 -2.94 22.05
C ASN A 504 15.49 -2.45 23.03
N ASP A 505 14.60 -1.58 22.59
CA ASP A 505 13.58 -1.09 23.51
C ASP A 505 12.52 -2.11 23.86
N GLY A 506 12.40 -3.14 23.02
CA GLY A 506 11.41 -4.18 23.26
C GLY A 506 9.98 -3.69 23.11
N ALA A 507 9.76 -2.68 22.28
CA ALA A 507 8.42 -2.15 22.06
C ALA A 507 7.54 -3.25 21.48
N THR A 508 6.25 -3.23 21.83
CA THR A 508 5.35 -4.25 21.32
C THR A 508 4.33 -3.68 20.35
N ARG A 509 3.65 -4.59 19.67
CA ARG A 509 2.60 -4.22 18.73
C ARG A 509 1.80 -5.48 18.43
N ASP A 510 0.65 -5.31 17.79
CA ASP A 510 -0.19 -6.44 17.42
C ASP A 510 0.28 -6.80 16.02
N TRP A 511 0.48 -8.08 15.75
CA TRP A 511 0.97 -8.49 14.44
C TRP A 511 -0.11 -9.09 13.54
N GLY A 512 -1.36 -8.80 13.87
CA GLY A 512 -2.48 -9.27 13.08
C GLY A 512 -2.69 -10.77 12.86
N ASN A 513 -3.77 -11.08 12.15
CA ASN A 513 -4.15 -12.45 11.81
C ASN A 513 -4.31 -13.34 13.03
N GLY A 514 -4.53 -12.73 14.19
CA GLY A 514 -4.70 -13.50 15.41
C GLY A 514 -3.40 -13.79 16.14
N ALA A 515 -2.30 -13.18 15.71
CA ALA A 515 -1.00 -13.40 16.33
C ALA A 515 -0.90 -12.69 17.68
N GLY A 516 -1.63 -11.58 17.82
CA GLY A 516 -1.61 -10.85 19.06
C GLY A 516 -0.41 -9.95 19.28
N VAL A 517 -0.22 -9.54 20.52
CA VAL A 517 0.88 -8.65 20.88
C VAL A 517 2.17 -9.42 21.18
N HIS A 518 3.27 -8.88 20.67
CA HIS A 518 4.59 -9.47 20.86
C HIS A 518 5.60 -8.35 20.72
N PRO A 519 6.69 -8.40 21.48
CA PRO A 519 7.68 -7.32 21.33
C PRO A 519 8.40 -7.47 19.98
N GLU A 520 8.72 -6.35 19.35
CA GLU A 520 9.38 -6.33 18.03
C GLU A 520 10.70 -7.11 18.09
N ASN A 521 11.23 -7.17 19.29
CA ASN A 521 12.46 -7.86 19.65
C ASN A 521 12.29 -9.35 19.37
N ALA A 522 11.06 -9.81 19.47
CA ALA A 522 10.71 -11.21 19.31
C ALA A 522 10.30 -11.65 17.92
N VAL A 523 10.13 -10.70 17.01
CA VAL A 523 9.72 -11.08 15.67
C VAL A 523 10.88 -11.07 14.69
N LEU A 524 11.18 -12.27 14.18
CA LEU A 524 12.25 -12.49 13.23
C LEU A 524 11.67 -12.55 11.82
N ASP A 525 12.46 -12.09 10.86
CA ASP A 525 12.02 -12.04 9.46
C ASP A 525 13.25 -12.03 8.55
N GLY A 526 13.25 -12.91 7.55
CA GLY A 526 14.37 -13.02 6.63
C GLY A 526 14.58 -11.85 5.69
N GLY A 527 13.70 -10.85 5.76
CA GLY A 527 13.83 -9.69 4.91
C GLY A 527 15.19 -8.98 4.98
N PHE A 528 15.98 -9.28 6.00
CA PHE A 528 17.28 -8.62 6.10
C PHE A 528 18.21 -9.10 4.99
N LEU A 529 17.94 -10.29 4.45
CA LEU A 529 18.77 -10.81 3.36
C LEU A 529 18.76 -9.89 2.14
N GLU A 530 17.76 -8.99 2.07
CA GLU A 530 17.64 -8.05 0.96
C GLU A 530 18.83 -7.09 0.94
N PHE A 531 19.45 -6.91 2.09
CA PHE A 531 20.61 -6.03 2.18
C PHE A 531 21.74 -6.45 1.25
N VAL A 532 22.04 -7.76 1.20
CA VAL A 532 23.12 -8.17 0.33
C VAL A 532 22.58 -8.39 -1.08
N ARG A 533 21.29 -8.72 -1.15
CA ARG A 533 20.67 -8.96 -2.44
C ARG A 533 20.67 -7.69 -3.31
N LEU A 534 20.49 -6.54 -2.67
CA LEU A 534 20.46 -5.27 -3.39
C LEU A 534 21.76 -4.46 -3.31
N GLY A 535 22.83 -5.12 -2.88
CA GLY A 535 24.13 -4.47 -2.81
C GLY A 535 24.32 -3.45 -1.71
N VAL A 536 23.39 -3.42 -0.76
CA VAL A 536 23.48 -2.48 0.35
C VAL A 536 24.51 -2.89 1.41
N LYS A 537 24.81 -4.19 1.46
CA LYS A 537 25.79 -4.71 2.40
C LYS A 537 26.61 -5.76 1.67
N ALA A 538 27.83 -5.98 2.13
CA ALA A 538 28.70 -6.98 1.52
C ALA A 538 28.07 -8.35 1.71
N PRO A 539 28.31 -9.27 0.78
CA PRO A 539 27.72 -10.60 0.93
C PRO A 539 28.08 -11.22 2.29
N ALA A 540 29.27 -10.92 2.79
CA ALA A 540 29.73 -11.46 4.06
C ALA A 540 29.51 -10.52 5.25
N ASP A 541 28.56 -9.61 5.12
CA ASP A 541 28.28 -8.68 6.20
C ASP A 541 28.09 -9.46 7.51
N PRO A 542 28.84 -9.09 8.57
CA PRO A 542 28.72 -9.78 9.86
C PRO A 542 27.36 -9.65 10.56
N TYR A 543 26.72 -8.50 10.42
CA TYR A 543 25.42 -8.31 11.05
C TYR A 543 24.40 -9.24 10.41
N VAL A 544 24.44 -9.31 9.09
CA VAL A 544 23.53 -10.19 8.38
C VAL A 544 23.85 -11.63 8.76
N ALA A 545 25.12 -11.91 9.05
CA ALA A 545 25.56 -13.25 9.42
C ALA A 545 25.08 -13.74 10.80
N ASP A 546 25.10 -12.88 11.82
CA ASP A 546 24.64 -13.31 13.14
C ASP A 546 23.15 -13.49 13.17
N SER A 547 22.46 -12.97 12.14
CA SER A 547 21.01 -13.08 12.09
C SER A 547 20.55 -14.46 11.67
N LEU A 548 21.37 -15.14 10.86
CA LEU A 548 21.02 -16.47 10.36
C LEU A 548 20.60 -17.45 11.45
N ALA A 549 21.46 -17.65 12.45
CA ALA A 549 21.18 -18.59 13.53
C ALA A 549 19.81 -18.38 14.18
N GLU A 550 19.58 -17.22 14.77
CA GLU A 550 18.31 -16.94 15.43
C GLU A 550 17.13 -16.99 14.46
N THR A 551 17.32 -16.41 13.27
CA THR A 551 16.24 -16.41 12.28
C THR A 551 15.84 -17.83 11.87
N ASP A 552 16.84 -18.67 11.62
CA ASP A 552 16.58 -20.05 11.21
C ASP A 552 15.93 -20.84 12.32
N ALA A 553 16.33 -20.56 13.55
CA ALA A 553 15.76 -21.27 14.69
C ALA A 553 14.32 -20.83 14.90
N SER A 554 14.05 -19.55 14.71
CA SER A 554 12.73 -19.01 14.93
C SER A 554 11.65 -19.27 13.88
N ILE A 555 11.99 -19.25 12.60
CA ILE A 555 10.95 -19.45 11.60
C ILE A 555 11.23 -20.40 10.44
N SER A 556 12.28 -21.23 10.56
CA SER A 556 12.60 -22.16 9.48
C SER A 556 12.46 -23.60 9.92
N GLN A 557 12.37 -24.51 8.96
CA GLN A 557 12.30 -25.92 9.28
C GLN A 557 12.69 -26.76 8.09
N GLU A 558 12.97 -28.03 8.36
CA GLU A 558 13.41 -28.94 7.33
C GLU A 558 12.28 -29.79 6.78
N THR A 559 11.96 -29.59 5.50
CA THR A 559 10.93 -30.36 4.83
C THR A 559 11.67 -31.44 4.05
N PRO A 560 10.95 -32.46 3.56
CA PRO A 560 11.64 -33.51 2.80
C PRO A 560 12.35 -33.01 1.54
N GLY A 561 11.96 -31.83 1.08
CA GLY A 561 12.58 -31.26 -0.11
C GLY A 561 13.72 -30.30 0.22
N GLY A 562 13.88 -29.97 1.49
CA GLY A 562 14.94 -29.06 1.90
C GLY A 562 14.43 -28.04 2.90
N ARG A 563 15.32 -27.19 3.39
CA ARG A 563 14.94 -26.18 4.37
C ARG A 563 14.03 -25.09 3.80
N MET A 564 12.99 -24.74 4.56
CA MET A 564 12.06 -23.70 4.16
C MET A 564 11.84 -22.73 5.34
N TRP A 565 11.37 -21.52 5.01
CA TRP A 565 11.14 -20.49 6.02
C TRP A 565 9.72 -19.90 6.03
N HIS A 566 9.30 -19.50 7.21
CA HIS A 566 8.00 -18.83 7.39
C HIS A 566 8.36 -17.36 7.12
N ARG A 567 7.37 -16.50 6.94
CA ARG A 567 7.67 -15.09 6.69
C ARG A 567 8.26 -14.42 7.93
N TYR A 568 7.61 -14.63 9.07
CA TYR A 568 8.07 -14.02 10.30
C TYR A 568 7.46 -14.72 11.49
N THR A 569 8.06 -14.54 12.65
CA THR A 569 7.59 -15.17 13.86
C THR A 569 6.14 -14.85 14.17
N TYR A 570 5.40 -15.88 14.59
CA TYR A 570 3.99 -15.78 14.96
C TYR A 570 3.04 -15.46 13.83
N ASP A 571 3.57 -15.27 12.62
CA ASP A 571 2.73 -14.96 11.46
C ASP A 571 1.53 -15.89 11.42
N GLY A 572 0.34 -15.30 11.27
CA GLY A 572 -0.87 -16.10 11.24
C GLY A 572 -1.65 -16.06 9.94
N TYR A 573 -1.01 -15.68 8.85
CA TYR A 573 -1.67 -15.61 7.55
C TYR A 573 -1.59 -16.95 6.82
N GLY A 574 -2.42 -17.90 7.24
CA GLY A 574 -2.45 -19.21 6.62
C GLY A 574 -3.54 -20.09 7.21
N GLU A 575 -3.55 -21.37 6.87
CA GLU A 575 -4.55 -22.29 7.39
C GLU A 575 -4.61 -22.36 8.91
N LYS A 576 -5.79 -22.69 9.43
CA LYS A 576 -6.01 -22.81 10.87
C LYS A 576 -5.48 -24.16 11.33
N ALA A 577 -5.40 -24.35 12.63
CA ALA A 577 -4.89 -25.59 13.21
C ALA A 577 -5.60 -26.83 12.68
N ASP A 578 -6.87 -26.70 12.34
CA ASP A 578 -7.61 -27.86 11.84
C ASP A 578 -7.39 -28.09 10.35
N GLY A 579 -6.59 -27.22 9.72
CA GLY A 579 -6.32 -27.36 8.31
C GLY A 579 -7.26 -26.49 7.47
N SER A 580 -8.24 -25.90 8.15
CA SER A 580 -9.23 -25.04 7.52
C SER A 580 -8.62 -23.77 6.94
N PRO A 581 -9.16 -23.28 5.83
CA PRO A 581 -8.63 -22.06 5.21
C PRO A 581 -8.61 -20.84 6.13
N TRP A 582 -7.81 -19.86 5.75
CA TRP A 582 -7.67 -18.62 6.50
C TRP A 582 -8.95 -17.80 6.31
N ASP A 583 -9.40 -17.15 7.38
CA ASP A 583 -10.62 -16.34 7.33
C ASP A 583 -10.47 -15.08 8.16
N GLY A 584 -9.25 -14.56 8.25
CA GLY A 584 -8.99 -13.38 9.06
C GLY A 584 -7.93 -13.70 10.10
N THR A 585 -7.91 -14.96 10.52
CA THR A 585 -6.93 -15.43 11.48
C THR A 585 -6.58 -16.88 11.11
N GLY A 586 -5.39 -17.29 11.53
CA GLY A 586 -4.94 -18.64 11.25
C GLY A 586 -3.47 -18.70 11.60
N ILE A 587 -2.73 -19.59 10.96
CA ILE A 587 -1.31 -19.66 11.22
C ILE A 587 -0.55 -19.74 9.90
N GLY A 588 0.30 -18.74 9.67
CA GLY A 588 1.08 -18.67 8.45
C GLY A 588 1.94 -19.90 8.28
N ARG A 589 2.10 -20.35 7.04
CA ARG A 589 2.90 -21.55 6.79
C ARG A 589 4.20 -21.23 6.05
N LEU A 590 4.81 -22.27 5.46
CA LEU A 590 6.07 -22.13 4.73
C LEU A 590 5.91 -21.53 3.33
N TRP A 591 6.72 -20.50 3.03
CA TRP A 591 6.69 -19.83 1.73
C TRP A 591 7.93 -20.22 0.90
N PRO A 592 7.78 -21.15 -0.05
CA PRO A 592 8.91 -21.58 -0.87
C PRO A 592 9.79 -20.50 -1.51
N LEU A 593 9.20 -19.37 -1.91
CA LEU A 593 9.99 -18.33 -2.54
C LEU A 593 11.12 -17.87 -1.62
N LEU A 594 10.91 -18.02 -0.31
CA LEU A 594 11.92 -17.63 0.67
C LEU A 594 13.17 -18.52 0.60
N SER A 595 13.02 -19.73 0.06
CA SER A 595 14.17 -20.63 -0.08
C SER A 595 15.03 -20.07 -1.20
N GLY A 596 14.38 -19.55 -2.22
CA GLY A 596 15.08 -18.96 -3.33
C GLY A 596 15.84 -17.73 -2.86
N GLU A 597 15.21 -16.96 -1.99
CA GLU A 597 15.87 -15.76 -1.47
C GLU A 597 17.11 -16.15 -0.69
N ARG A 598 17.03 -17.25 0.04
CA ARG A 598 18.17 -17.73 0.82
C ARG A 598 19.23 -18.21 -0.15
N GLY A 599 18.76 -18.74 -1.28
CA GLY A 599 19.66 -19.26 -2.30
C GLY A 599 20.51 -18.16 -2.91
N GLU A 600 19.94 -16.97 -3.08
CA GLU A 600 20.68 -15.86 -3.67
C GLU A 600 21.72 -15.35 -2.69
N TYR A 601 21.42 -15.45 -1.40
CA TYR A 601 22.35 -15.01 -0.37
C TYR A 601 23.52 -15.99 -0.34
N ALA A 602 23.19 -17.27 -0.44
CA ALA A 602 24.21 -18.29 -0.45
C ALA A 602 25.06 -18.08 -1.70
N LEU A 603 24.41 -17.91 -2.84
CA LEU A 603 25.12 -17.71 -4.11
C LEU A 603 26.07 -16.52 -4.04
N ALA A 604 25.57 -15.40 -3.52
CA ALA A 604 26.36 -14.19 -3.39
C ALA A 604 27.62 -14.46 -2.58
N ASN A 605 27.59 -15.52 -1.77
CA ASN A 605 28.73 -15.88 -0.94
C ASN A 605 29.51 -17.05 -1.53
N GLY A 606 29.36 -17.25 -2.84
CA GLY A 606 30.07 -18.29 -3.55
C GLY A 606 29.67 -19.72 -3.27
N GLN A 607 28.52 -19.93 -2.63
CA GLN A 607 28.08 -21.29 -2.32
C GLN A 607 27.16 -21.85 -3.40
N ASP A 608 27.02 -23.16 -3.41
CA ASP A 608 26.18 -23.86 -4.37
C ASP A 608 24.71 -23.57 -4.06
N ALA A 609 24.03 -22.88 -4.97
CA ALA A 609 22.63 -22.54 -4.77
C ALA A 609 21.66 -23.55 -5.37
N LEU A 610 22.20 -24.60 -6.00
CA LEU A 610 21.35 -25.61 -6.62
C LEU A 610 20.36 -26.26 -5.65
N PRO A 611 20.80 -26.57 -4.42
CA PRO A 611 19.87 -27.20 -3.49
C PRO A 611 18.63 -26.36 -3.20
N TYR A 612 18.79 -25.05 -3.15
CA TYR A 612 17.65 -24.17 -2.91
C TYR A 612 16.66 -24.29 -4.08
N LEU A 613 17.19 -24.49 -5.28
CA LEU A 613 16.33 -24.65 -6.45
C LEU A 613 15.56 -25.95 -6.28
N GLU A 614 16.25 -26.98 -5.77
CA GLU A 614 15.64 -28.28 -5.51
C GLU A 614 14.51 -28.12 -4.49
N THR A 615 14.72 -27.31 -3.46
CA THR A 615 13.70 -27.10 -2.45
C THR A 615 12.46 -26.44 -3.06
N MET A 616 12.67 -25.38 -3.84
CA MET A 616 11.56 -24.68 -4.45
C MET A 616 10.73 -25.59 -5.34
N HIS A 617 11.39 -26.48 -6.07
CA HIS A 617 10.68 -27.38 -6.96
C HIS A 617 10.00 -28.53 -6.21
N SER A 618 10.48 -28.88 -5.02
CA SER A 618 9.83 -29.95 -4.28
C SER A 618 8.43 -29.50 -3.83
N ALA A 619 8.21 -28.18 -3.86
CA ALA A 619 6.93 -27.59 -3.46
C ALA A 619 5.91 -27.50 -4.60
N ALA A 620 6.35 -27.74 -5.83
CA ALA A 620 5.46 -27.66 -6.98
C ALA A 620 4.61 -28.91 -7.14
N ASN A 621 3.49 -28.73 -7.86
CA ASN A 621 2.57 -29.84 -8.14
C ASN A 621 3.00 -30.47 -9.46
N ALA A 622 2.21 -31.41 -9.96
CA ALA A 622 2.50 -32.11 -11.20
C ALA A 622 2.56 -31.19 -12.42
N GLY A 623 2.04 -29.98 -12.28
CA GLY A 623 2.04 -29.03 -13.38
C GLY A 623 3.14 -28.01 -13.23
N TYR A 624 3.99 -28.19 -12.22
CA TYR A 624 5.13 -27.30 -11.97
C TYR A 624 4.75 -25.91 -11.44
N MET A 625 3.56 -25.80 -10.86
CA MET A 625 3.10 -24.54 -10.29
C MET A 625 3.64 -24.43 -8.86
N ILE A 626 4.47 -23.41 -8.61
CA ILE A 626 5.05 -23.18 -7.27
C ILE A 626 4.04 -22.39 -6.44
N PRO A 627 3.56 -22.97 -5.34
CA PRO A 627 2.59 -22.24 -4.52
C PRO A 627 3.18 -21.15 -3.66
N GLU A 628 2.28 -20.35 -3.07
CA GLU A 628 2.70 -19.29 -2.19
C GLU A 628 3.08 -19.94 -0.87
N GLN A 629 2.30 -20.93 -0.44
CA GLN A 629 2.56 -21.64 0.82
C GLN A 629 2.45 -23.16 0.77
N VAL A 630 3.20 -23.82 1.63
CA VAL A 630 3.16 -25.28 1.75
C VAL A 630 2.98 -25.63 3.23
N TRP A 631 2.32 -26.75 3.51
CA TRP A 631 2.05 -27.21 4.86
C TRP A 631 3.35 -27.40 5.64
N ASP A 632 3.30 -27.22 6.96
CA ASP A 632 4.49 -27.34 7.80
C ASP A 632 4.34 -28.24 9.02
N ARG A 633 3.37 -29.16 8.99
CA ARG A 633 3.16 -30.07 10.11
C ARG A 633 3.24 -31.53 9.69
N ASP A 634 3.67 -32.39 10.60
CA ASP A 634 3.78 -33.82 10.32
C ASP A 634 2.43 -34.45 10.07
N GLU A 635 1.41 -34.00 10.81
CA GLU A 635 0.09 -34.57 10.66
C GLU A 635 -0.73 -33.89 9.58
N PRO A 636 -1.61 -34.65 8.92
CA PRO A 636 -2.50 -34.18 7.86
C PRO A 636 -3.89 -33.95 8.40
N THR A 637 -4.27 -32.70 8.57
CA THR A 637 -5.61 -32.41 9.10
C THR A 637 -6.62 -33.18 8.26
N SER A 638 -7.90 -33.04 8.57
CA SER A 638 -8.92 -33.73 7.78
C SER A 638 -8.59 -33.46 6.33
N TYR A 639 -8.18 -32.23 6.05
CA TYR A 639 -7.79 -31.83 4.71
C TYR A 639 -6.39 -32.40 4.49
N GLY A 640 -6.29 -33.52 3.78
CA GLY A 640 -5.00 -34.11 3.54
C GLY A 640 -3.94 -33.07 3.21
N HIS A 641 -3.05 -32.81 4.16
CA HIS A 641 -1.99 -31.83 4.00
C HIS A 641 -0.66 -32.55 4.24
N GLU A 642 0.32 -32.30 3.39
CA GLU A 642 1.63 -32.93 3.55
C GLU A 642 2.70 -31.89 3.83
N LEU A 643 3.71 -32.29 4.59
CA LEU A 643 4.80 -31.41 4.93
C LEU A 643 5.58 -31.07 3.65
N GLY A 644 5.65 -29.78 3.33
CA GLY A 644 6.39 -29.34 2.15
C GLY A 644 5.63 -29.31 0.84
N ARG A 645 4.31 -29.51 0.90
CA ARG A 645 3.50 -29.50 -0.31
C ARG A 645 2.43 -28.42 -0.22
N SER A 646 1.99 -27.93 -1.37
CA SER A 646 0.98 -26.87 -1.44
C SER A 646 -0.19 -27.01 -0.47
N THR A 647 -0.43 -25.97 0.33
CA THR A 647 -1.54 -26.00 1.27
C THR A 647 -2.82 -26.01 0.44
N GLY A 648 -2.67 -25.56 -0.81
CA GLY A 648 -3.81 -25.51 -1.72
C GLY A 648 -4.44 -24.14 -1.78
N SER A 649 -3.89 -23.18 -1.03
CA SER A 649 -4.44 -21.84 -0.98
C SER A 649 -4.19 -20.92 -2.19
N ALA A 650 -2.98 -20.94 -2.74
CA ALA A 650 -2.68 -20.07 -3.88
C ALA A 650 -1.46 -20.48 -4.71
N SER A 651 -1.70 -20.90 -5.94
CA SER A 651 -0.61 -21.32 -6.80
C SER A 651 -1.02 -21.31 -8.27
N PRO A 652 -0.15 -20.81 -9.16
CA PRO A 652 1.19 -20.29 -8.87
C PRO A 652 1.21 -18.83 -8.44
N LEU A 653 2.33 -18.44 -7.84
CA LEU A 653 2.55 -17.08 -7.41
C LEU A 653 3.60 -16.61 -8.43
N SER A 654 3.28 -15.58 -9.20
CA SER A 654 4.23 -15.10 -10.20
C SER A 654 5.56 -14.80 -9.53
N TRP A 655 5.48 -14.28 -8.30
CA TRP A 655 6.65 -13.92 -7.52
C TRP A 655 7.52 -15.15 -7.23
N ALA A 656 6.89 -16.24 -6.79
CA ALA A 656 7.63 -17.47 -6.48
C ALA A 656 8.17 -18.10 -7.77
N MET A 657 7.41 -17.95 -8.85
CA MET A 657 7.82 -18.49 -10.13
C MET A 657 9.03 -17.70 -10.61
N ALA A 658 8.99 -16.39 -10.39
CA ALA A 658 10.08 -15.51 -10.78
C ALA A 658 11.35 -15.78 -9.97
N GLN A 659 11.19 -16.02 -8.68
CA GLN A 659 12.32 -16.28 -7.80
C GLN A 659 13.06 -17.54 -8.24
N TYR A 660 12.32 -18.49 -8.81
CA TYR A 660 12.95 -19.71 -9.27
C TYR A 660 13.83 -19.42 -10.49
N VAL A 661 13.28 -18.70 -11.46
CA VAL A 661 14.01 -18.36 -12.67
C VAL A 661 15.23 -17.48 -12.38
N ARG A 662 15.02 -16.45 -11.57
CA ARG A 662 16.08 -15.52 -11.22
C ARG A 662 17.26 -16.17 -10.47
N LEU A 663 16.96 -17.08 -9.54
CA LEU A 663 18.01 -17.75 -8.80
C LEU A 663 18.76 -18.67 -9.76
N ALA A 664 18.02 -19.38 -10.59
CA ALA A 664 18.63 -20.28 -11.55
C ALA A 664 19.57 -19.51 -12.47
N ALA A 665 19.17 -18.30 -12.88
CA ALA A 665 19.99 -17.49 -13.75
C ALA A 665 21.25 -17.08 -12.99
N GLY A 666 21.11 -16.84 -11.69
CA GLY A 666 22.24 -16.47 -10.88
C GLY A 666 23.24 -17.60 -10.74
N VAL A 667 22.73 -18.84 -10.75
CA VAL A 667 23.58 -20.01 -10.63
C VAL A 667 24.47 -20.12 -11.85
N LYS A 668 23.95 -19.75 -13.01
CA LYS A 668 24.73 -19.81 -14.24
C LYS A 668 25.76 -18.70 -14.28
N ALA A 669 25.43 -17.57 -13.68
CA ALA A 669 26.32 -16.43 -13.67
C ALA A 669 27.37 -16.52 -12.56
N GLY A 670 27.05 -17.24 -11.50
CA GLY A 670 27.95 -17.40 -10.37
C GLY A 670 27.73 -16.31 -9.33
N ALA A 671 26.66 -15.54 -9.52
CA ALA A 671 26.29 -14.46 -8.60
C ALA A 671 24.90 -13.92 -8.93
N PRO A 672 24.17 -13.40 -7.92
CA PRO A 672 22.84 -12.88 -8.23
C PRO A 672 22.93 -11.83 -9.34
N VAL A 673 22.18 -12.07 -10.41
CA VAL A 673 22.20 -11.23 -11.60
C VAL A 673 21.42 -9.91 -11.59
N GLU A 674 20.50 -9.73 -10.63
CA GLU A 674 19.71 -8.49 -10.58
C GLU A 674 20.29 -7.47 -9.61
N THR A 675 21.27 -7.89 -8.81
CA THR A 675 21.89 -6.98 -7.86
C THR A 675 22.37 -5.72 -8.57
N PRO A 676 21.94 -4.54 -8.10
CA PRO A 676 22.35 -3.28 -8.73
C PRO A 676 23.85 -3.03 -8.60
N GLN A 677 24.56 -3.25 -9.70
CA GLN A 677 26.02 -3.10 -9.76
C GLN A 677 26.58 -1.80 -9.24
N ASN A 678 25.96 -0.68 -9.60
CA ASN A 678 26.45 0.61 -9.13
C ASN A 678 26.24 0.78 -7.63
N VAL A 679 25.22 0.13 -7.10
CA VAL A 679 24.93 0.19 -5.66
C VAL A 679 25.95 -0.68 -4.92
N ALA A 680 26.11 -1.92 -5.38
CA ALA A 680 27.04 -2.86 -4.77
C ALA A 680 28.47 -2.32 -4.82
N ALA A 681 28.81 -1.62 -5.89
CA ALA A 681 30.15 -1.07 -6.03
C ALA A 681 30.42 -0.06 -4.92
N ARG A 682 29.36 0.55 -4.41
CA ARG A 682 29.48 1.55 -3.35
C ARG A 682 29.39 0.97 -1.94
N TYR A 683 28.47 0.04 -1.70
CA TYR A 683 28.31 -0.50 -0.36
C TYR A 683 28.81 -1.93 -0.11
N ALA A 684 28.93 -2.75 -1.15
CA ALA A 684 29.36 -4.13 -0.96
C ALA A 684 30.75 -4.46 -1.49
N ALA A 685 31.43 -3.47 -2.06
CA ALA A 685 32.75 -3.70 -2.61
C ALA A 685 33.84 -3.66 -1.55
N GLY A 686 35.07 -3.38 -1.97
CA GLY A 686 36.16 -3.34 -1.03
C GLY A 686 36.29 -2.15 -0.09
N THR A 687 37.09 -1.18 -0.51
CA THR A 687 37.38 0.01 0.29
C THR A 687 36.22 0.90 0.71
N PRO A 688 36.24 1.33 1.99
CA PRO A 688 35.22 2.19 2.58
C PRO A 688 35.49 3.63 2.19
N LEU A 689 34.44 4.45 2.27
CA LEU A 689 34.59 5.85 1.92
C LEU A 689 34.66 6.66 3.19
N SER A 690 35.21 7.86 3.08
CA SER A 690 35.33 8.74 4.22
C SER A 690 33.94 9.20 4.64
N SER A 691 33.82 9.59 5.90
CA SER A 691 32.56 10.10 6.41
C SER A 691 32.86 11.53 6.84
N PRO A 692 32.59 12.51 5.97
CA PRO A 692 32.85 13.91 6.29
C PRO A 692 32.06 14.40 7.50
N GLU A 693 32.58 15.44 8.14
CA GLU A 693 31.93 16.03 9.29
C GLU A 693 30.99 17.11 8.74
N LEU A 694 29.77 17.18 9.28
CA LEU A 694 28.79 18.18 8.84
C LEU A 694 27.99 18.72 10.01
N SER A 695 28.01 20.04 10.18
CA SER A 695 27.27 20.66 11.27
C SER A 695 26.42 21.85 10.80
N VAL A 696 25.11 21.75 10.98
CA VAL A 696 24.20 22.83 10.58
C VAL A 696 23.73 23.58 11.83
N THR A 697 24.31 24.75 12.05
CA THR A 697 24.00 25.55 13.23
C THR A 697 22.71 26.37 13.13
N ALA A 698 22.25 26.55 11.90
CA ALA A 698 21.02 27.30 11.65
C ALA A 698 20.42 26.86 10.33
N PRO A 699 19.09 26.62 10.32
CA PRO A 699 18.20 26.75 11.47
C PRO A 699 18.22 25.53 12.39
N GLU A 700 17.25 25.48 13.30
CA GLU A 700 17.10 24.35 14.22
C GLU A 700 16.17 23.35 13.55
N ALA A 701 16.02 22.18 14.16
CA ALA A 701 15.18 21.12 13.61
C ALA A 701 13.88 21.63 12.99
N LEU A 702 13.16 22.47 13.72
CA LEU A 702 11.90 23.04 13.25
C LEU A 702 11.90 24.54 13.52
N SER A 703 11.61 25.32 12.48
CA SER A 703 11.58 26.77 12.64
C SER A 703 10.59 27.39 11.68
N THR A 704 10.33 28.67 11.87
CA THR A 704 9.41 29.40 11.02
C THR A 704 10.17 30.58 10.44
N ALA A 705 10.24 30.64 9.12
CA ALA A 705 10.96 31.70 8.42
C ALA A 705 10.36 33.08 8.68
N ASP A 706 11.17 34.12 8.49
CA ASP A 706 10.72 35.49 8.66
C ASP A 706 10.56 36.14 7.28
N SER A 707 10.82 35.35 6.24
CA SER A 707 10.68 35.82 4.86
C SER A 707 10.58 34.62 3.92
N ALA A 708 10.74 34.87 2.63
CA ALA A 708 10.66 33.81 1.63
C ALA A 708 11.97 33.06 1.44
N THR A 709 12.97 33.42 2.24
CA THR A 709 14.27 32.76 2.22
C THR A 709 14.66 32.48 3.66
N ALA A 710 15.50 31.47 3.87
CA ALA A 710 15.95 31.14 5.21
C ALA A 710 17.44 30.89 5.21
N VAL A 711 18.10 31.30 6.27
CA VAL A 711 19.53 31.12 6.38
C VAL A 711 19.87 29.69 6.80
N VAL A 712 20.62 29.00 5.95
CA VAL A 712 21.07 27.64 6.21
C VAL A 712 22.59 27.72 6.23
N ARG A 713 23.19 27.55 7.41
CA ARG A 713 24.64 27.64 7.55
C ARG A 713 25.20 26.65 8.56
N GLY A 714 26.52 26.52 8.54
CA GLY A 714 27.19 25.62 9.46
C GLY A 714 28.63 25.34 9.06
N THR A 715 29.15 24.23 9.57
CA THR A 715 30.52 23.83 9.28
C THR A 715 30.61 22.44 8.65
N THR A 716 31.67 22.21 7.90
CA THR A 716 31.90 20.93 7.25
C THR A 716 33.35 20.86 6.82
N ASN A 717 33.86 19.64 6.70
CA ASN A 717 35.22 19.44 6.26
C ASN A 717 35.15 18.73 4.92
N ALA A 718 34.01 18.89 4.25
CA ALA A 718 33.76 18.30 2.94
C ALA A 718 34.11 19.30 1.85
N ALA A 719 34.38 18.80 0.64
CA ALA A 719 34.72 19.64 -0.50
C ALA A 719 33.54 20.51 -0.95
N LYS A 720 32.36 19.91 -1.08
CA LYS A 720 31.17 20.63 -1.51
C LYS A 720 29.97 20.43 -0.59
N VAL A 721 29.05 21.39 -0.60
CA VAL A 721 27.83 21.33 0.21
C VAL A 721 26.65 21.75 -0.67
N TYR A 722 25.54 21.02 -0.55
CA TYR A 722 24.35 21.30 -1.32
C TYR A 722 23.16 21.44 -0.37
N VAL A 723 22.33 22.46 -0.60
CA VAL A 723 21.13 22.67 0.21
C VAL A 723 19.93 22.53 -0.70
N SER A 724 19.09 21.56 -0.40
CA SER A 724 17.92 21.27 -1.21
C SER A 724 16.62 21.49 -0.44
N VAL A 725 15.69 22.21 -1.06
CA VAL A 725 14.40 22.49 -0.43
C VAL A 725 13.28 21.89 -1.27
N ASN A 726 12.60 20.88 -0.71
CA ASN A 726 11.49 20.20 -1.37
C ASN A 726 11.83 19.68 -2.76
N GLY A 727 13.06 19.21 -2.96
CA GLY A 727 13.45 18.69 -4.26
C GLY A 727 14.30 19.62 -5.10
N THR A 728 14.31 20.91 -4.77
CA THR A 728 15.11 21.88 -5.52
C THR A 728 16.42 22.12 -4.76
N ALA A 729 17.53 21.73 -5.38
CA ALA A 729 18.84 21.89 -4.74
C ALA A 729 19.66 23.04 -5.28
N THR A 730 20.42 23.65 -4.39
CA THR A 730 21.29 24.75 -4.74
C THR A 730 22.57 24.55 -3.96
N GLU A 731 23.70 24.76 -4.63
CA GLU A 731 25.00 24.57 -3.99
C GLU A 731 25.38 25.74 -3.09
N ALA A 732 26.02 25.41 -1.98
CA ALA A 732 26.48 26.42 -1.02
C ALA A 732 28.00 26.39 -1.05
N PRO A 733 28.61 27.48 -1.53
CA PRO A 733 30.07 27.48 -1.58
C PRO A 733 30.67 27.33 -0.19
N VAL A 734 31.60 26.39 -0.05
CA VAL A 734 32.25 26.15 1.23
C VAL A 734 33.54 26.95 1.29
N THR A 735 33.72 27.70 2.37
CA THR A 735 34.90 28.51 2.55
C THR A 735 35.45 28.30 3.94
N ASP A 736 36.70 27.86 4.03
CA ASP A 736 37.33 27.63 5.32
C ASP A 736 36.49 26.72 6.22
N GLY A 737 35.92 25.67 5.62
CA GLY A 737 35.13 24.74 6.38
C GLY A 737 33.80 25.27 6.89
N THR A 738 33.34 26.38 6.31
CA THR A 738 32.05 26.96 6.70
C THR A 738 31.25 27.28 5.46
N PHE A 739 29.94 27.38 5.63
CA PHE A 739 29.05 27.69 4.52
C PHE A 739 27.86 28.46 5.06
N SER A 740 27.14 29.15 4.17
CA SER A 740 25.97 29.93 4.57
C SER A 740 25.24 30.35 3.31
N LEU A 741 24.04 29.81 3.13
CA LEU A 741 23.23 30.09 1.96
C LEU A 741 21.82 30.57 2.30
N ASP A 742 21.37 31.62 1.64
CA ASP A 742 20.01 32.12 1.85
C ASP A 742 19.15 31.39 0.83
N VAL A 743 18.64 30.23 1.22
CA VAL A 743 17.82 29.43 0.31
C VAL A 743 16.37 29.90 0.21
N ALA A 744 15.79 29.72 -0.97
CA ALA A 744 14.42 30.12 -1.25
C ALA A 744 13.39 29.10 -0.81
N LEU A 745 12.43 29.52 0.01
CA LEU A 745 11.38 28.62 0.48
C LEU A 745 10.30 28.59 -0.58
N THR A 746 9.69 27.42 -0.81
CA THR A 746 8.66 27.32 -1.84
C THR A 746 7.34 26.68 -1.42
N GLY A 747 7.06 26.67 -0.13
CA GLY A 747 5.81 26.08 0.35
C GLY A 747 5.51 26.46 1.80
N ALA A 748 4.36 26.02 2.30
CA ALA A 748 3.97 26.30 3.68
C ALA A 748 4.90 25.51 4.59
N LYS A 749 5.26 24.32 4.14
CA LYS A 749 6.16 23.44 4.88
C LYS A 749 7.31 23.12 3.94
N ASN A 750 8.53 23.40 4.39
CA ASN A 750 9.70 23.15 3.57
C ASN A 750 10.63 22.13 4.20
N LYS A 751 10.82 21.02 3.49
CA LYS A 751 11.69 19.97 3.95
C LYS A 751 13.07 20.36 3.40
N VAL A 752 13.98 20.75 4.28
CA VAL A 752 15.32 21.14 3.85
C VAL A 752 16.33 20.03 4.11
N THR A 753 17.12 19.70 3.09
CA THR A 753 18.14 18.66 3.22
C THR A 753 19.50 19.20 2.81
N VAL A 754 20.47 19.15 3.73
CA VAL A 754 21.81 19.61 3.44
C VAL A 754 22.72 18.40 3.26
N ALA A 755 23.39 18.33 2.12
CA ALA A 755 24.28 17.21 1.86
C ALA A 755 25.69 17.71 1.65
N ALA A 756 26.66 17.11 2.32
CA ALA A 756 28.06 17.51 2.18
C ALA A 756 28.75 16.40 1.41
N VAL A 757 29.63 16.76 0.48
CA VAL A 757 30.34 15.74 -0.31
C VAL A 757 31.85 15.86 -0.20
N ALA A 758 32.49 14.78 0.23
CA ALA A 758 33.95 14.73 0.38
C ALA A 758 34.62 14.50 -0.98
N ALA A 759 35.93 14.74 -1.03
CA ALA A 759 36.70 14.57 -2.26
C ALA A 759 36.67 13.15 -2.82
N ASP A 760 36.39 12.17 -1.97
CA ASP A 760 36.35 10.78 -2.41
C ASP A 760 34.94 10.29 -2.68
N GLY A 761 33.95 11.15 -2.42
CA GLY A 761 32.57 10.75 -2.66
C GLY A 761 31.77 10.43 -1.41
N GLY A 762 32.43 10.39 -0.25
CA GLY A 762 31.71 10.12 0.98
C GLY A 762 30.77 11.26 1.31
N THR A 763 29.71 10.98 2.06
CA THR A 763 28.75 12.04 2.40
C THR A 763 28.29 12.08 3.85
N ALA A 764 27.57 13.16 4.15
CA ALA A 764 26.97 13.43 5.44
C ALA A 764 25.70 14.18 5.06
N VAL A 765 24.66 14.04 5.88
CA VAL A 765 23.39 14.69 5.59
C VAL A 765 22.78 15.28 6.86
N GLU A 766 21.91 16.27 6.68
CA GLU A 766 21.22 16.96 7.77
C GLU A 766 19.86 17.45 7.29
N ASP A 767 18.80 17.11 8.02
CA ASP A 767 17.43 17.52 7.68
C ASP A 767 16.93 18.63 8.61
N ARG A 768 16.13 19.53 8.04
CA ARG A 768 15.55 20.66 8.75
C ARG A 768 14.18 20.96 8.18
N THR A 769 13.25 21.39 9.03
CA THR A 769 11.91 21.73 8.58
C THR A 769 11.62 23.22 8.85
N VAL A 770 11.26 23.94 7.79
CA VAL A 770 10.98 25.36 7.91
C VAL A 770 9.56 25.71 7.45
N LEU A 771 8.80 26.32 8.34
CA LEU A 771 7.44 26.74 8.05
C LEU A 771 7.45 28.15 7.46
N TYR A 772 6.67 28.36 6.41
CA TYR A 772 6.63 29.68 5.79
C TYR A 772 5.22 30.25 5.80
N TYR A 773 5.10 31.53 6.18
CA TYR A 773 3.82 32.22 6.24
C TYR A 773 3.86 33.54 5.49
N GLY A 774 5.06 33.96 5.09
CA GLY A 774 5.21 35.22 4.39
C GLY A 774 6.27 36.05 5.07
N SER A 775 6.25 37.37 4.84
CA SER A 775 7.24 38.25 5.48
C SER A 775 6.75 38.60 6.87
N ARG A 776 7.59 38.39 7.88
CA ARG A 776 7.20 38.70 9.23
C ARG A 776 7.07 40.22 9.43
N ILE A 777 5.90 40.66 9.88
CA ILE A 777 5.68 42.07 10.12
C ILE A 777 6.38 42.40 11.43
N GLY A 778 6.10 41.58 12.45
CA GLY A 778 6.70 41.78 13.75
C GLY A 778 6.28 40.65 14.67
N ALA A 779 6.78 40.67 15.91
CA ALA A 779 6.44 39.61 16.84
C ALA A 779 6.34 40.04 18.30
N LEU A 780 5.69 39.18 19.09
CA LEU A 780 5.50 39.38 20.52
C LEU A 780 5.80 38.06 21.19
N SER A 781 6.43 38.11 22.35
CA SER A 781 6.80 36.90 23.07
C SER A 781 6.12 36.82 24.42
N ASP A 782 6.10 35.62 24.99
CA ASP A 782 5.48 35.40 26.27
C ASP A 782 6.02 34.10 26.87
N PRO A 783 6.39 34.12 28.15
CA PRO A 783 6.92 32.94 28.84
C PRO A 783 5.92 31.80 28.95
N ALA A 784 6.44 30.61 29.23
CA ALA A 784 5.60 29.42 29.38
C ALA A 784 5.30 29.20 30.87
N GLY A 785 4.28 28.40 31.15
CA GLY A 785 3.89 28.14 32.53
C GLY A 785 3.32 29.40 33.12
N ASP A 786 2.73 30.21 32.24
CA ASP A 786 2.15 31.49 32.58
C ASP A 786 0.62 31.37 32.61
N ASP A 787 0.14 30.21 32.17
CA ASP A 787 -1.28 29.91 32.07
C ASP A 787 -2.02 29.71 33.39
N ASN A 788 -2.04 30.73 34.23
CA ASN A 788 -2.74 30.64 35.51
C ASN A 788 -3.34 31.98 35.96
N GLY A 789 -3.58 32.87 34.99
CA GLY A 789 -4.16 34.16 35.30
C GLY A 789 -3.23 35.04 36.12
N PRO A 790 -3.71 35.56 37.26
CA PRO A 790 -2.83 36.40 38.09
C PRO A 790 -1.80 35.52 38.80
N GLY A 791 -1.89 34.21 38.52
CA GLY A 791 -0.97 33.26 39.11
C GLY A 791 -1.64 32.30 40.08
N THR A 792 -2.96 32.21 40.01
CA THR A 792 -3.70 31.35 40.93
C THR A 792 -4.85 30.55 40.27
N TYR A 793 -4.98 30.65 38.96
CA TYR A 793 -6.04 29.93 38.26
C TYR A 793 -5.69 28.49 37.92
N ARG A 794 -6.70 27.64 37.79
CA ARG A 794 -6.49 26.24 37.48
C ARG A 794 -7.39 25.77 36.33
N TYR A 795 -6.79 25.00 35.42
CA TYR A 795 -7.50 24.47 34.27
C TYR A 795 -8.65 23.57 34.76
N PRO A 796 -9.69 23.39 33.94
CA PRO A 796 -10.78 22.53 34.40
C PRO A 796 -10.23 21.09 34.36
N THR A 797 -10.37 20.37 35.48
CA THR A 797 -9.86 19.00 35.63
C THR A 797 -10.04 18.00 34.49
N ASN A 798 -11.12 18.09 33.73
CA ASN A 798 -11.34 17.14 32.64
C ASN A 798 -10.10 16.95 31.78
N SER A 799 -9.88 15.72 31.32
CA SER A 799 -8.71 15.38 30.51
C SER A 799 -8.56 16.17 29.20
N ALA A 800 -9.67 16.50 28.58
CA ALA A 800 -9.65 17.25 27.31
C ALA A 800 -8.78 18.50 27.38
N TYR A 801 -8.69 19.10 28.56
CA TYR A 801 -7.90 20.31 28.74
C TYR A 801 -6.46 19.97 29.08
N VAL A 802 -5.73 19.57 28.03
CA VAL A 802 -4.33 19.20 28.13
C VAL A 802 -3.46 20.33 28.70
N PRO A 803 -2.40 19.97 29.44
CA PRO A 803 -1.55 21.02 30.01
C PRO A 803 -0.96 21.99 28.98
N GLY A 804 -0.93 23.26 29.34
CA GLY A 804 -0.39 24.29 28.46
C GLY A 804 -1.32 24.69 27.33
N ALA A 805 -2.52 24.14 27.30
CA ALA A 805 -3.49 24.45 26.25
C ALA A 805 -3.82 25.94 26.16
N PHE A 806 -3.81 26.61 27.31
CA PHE A 806 -4.12 28.03 27.36
C PHE A 806 -2.87 28.85 27.65
N ASP A 807 -1.71 28.25 27.40
CA ASP A 807 -0.45 28.92 27.67
C ASP A 807 0.19 29.46 26.39
N LEU A 808 0.09 30.77 26.21
CA LEU A 808 0.65 31.43 25.05
C LEU A 808 2.15 31.59 25.24
N THR A 809 2.91 31.32 24.19
CA THR A 809 4.35 31.46 24.25
C THR A 809 4.79 32.49 23.21
N GLY A 810 3.87 32.84 22.31
CA GLY A 810 4.20 33.82 21.30
C GLY A 810 3.14 34.21 20.29
N VAL A 811 3.34 35.36 19.66
CA VAL A 811 2.44 35.87 18.63
C VAL A 811 3.26 36.49 17.52
N ASP A 812 3.19 35.89 16.33
CA ASP A 812 3.93 36.42 15.18
C ASP A 812 2.95 36.77 14.07
N VAL A 813 3.15 37.93 13.45
CA VAL A 813 2.29 38.35 12.37
C VAL A 813 3.06 38.37 11.05
N TYR A 814 2.45 37.88 9.99
CA TYR A 814 3.10 37.83 8.70
C TYR A 814 2.22 38.39 7.58
N ASP A 815 2.88 38.99 6.60
CA ASP A 815 2.19 39.53 5.45
C ASP A 815 2.13 38.35 4.49
N ALA A 816 0.95 37.77 4.32
CA ALA A 816 0.79 36.60 3.44
C ALA A 816 0.03 36.87 2.16
N GLY A 817 0.41 37.93 1.43
CA GLY A 817 -0.26 38.24 0.18
C GLY A 817 -1.51 39.07 0.34
N ASP A 818 -2.67 38.42 0.25
CA ASP A 818 -3.95 39.09 0.39
C ASP A 818 -4.46 38.99 1.83
N ASP A 819 -3.70 38.29 2.68
CA ASP A 819 -4.07 38.11 4.07
C ASP A 819 -2.92 38.42 5.02
N TYR A 820 -3.27 38.58 6.29
CA TYR A 820 -2.30 38.81 7.34
C TYR A 820 -2.33 37.49 8.11
N ALA A 821 -1.16 36.89 8.33
CA ALA A 821 -1.12 35.63 9.06
C ALA A 821 -0.80 35.86 10.54
N PHE A 822 -1.82 35.82 11.39
CA PHE A 822 -1.61 35.98 12.82
C PHE A 822 -1.41 34.59 13.40
N VAL A 823 -0.17 34.27 13.75
CA VAL A 823 0.19 32.97 14.29
C VAL A 823 0.40 33.00 15.79
N ALA A 824 -0.42 32.25 16.50
CA ALA A 824 -0.30 32.16 17.95
C ALA A 824 0.40 30.86 18.30
N THR A 825 1.29 30.92 19.29
CA THR A 825 2.03 29.74 19.71
C THR A 825 1.76 29.45 21.18
N ILE A 826 1.46 28.18 21.50
CA ILE A 826 1.20 27.79 22.88
C ILE A 826 2.16 26.70 23.32
N ALA A 827 2.36 26.58 24.64
CA ALA A 827 3.25 25.58 25.21
C ALA A 827 2.64 24.20 25.10
N GLY A 828 1.31 24.14 25.19
CA GLY A 828 0.63 22.87 25.11
C GLY A 828 0.41 22.37 23.71
N GLU A 829 -0.21 21.21 23.61
CA GLU A 829 -0.51 20.59 22.34
C GLU A 829 -1.81 21.15 21.74
N VAL A 830 -1.78 21.46 20.44
CA VAL A 830 -2.95 21.98 19.76
C VAL A 830 -3.88 20.81 19.47
N THR A 831 -4.93 20.70 20.29
CA THR A 831 -5.91 19.63 20.16
C THR A 831 -7.24 20.12 19.60
N ASN A 832 -8.01 19.21 19.02
CA ASN A 832 -9.32 19.55 18.47
C ASN A 832 -10.26 18.35 18.57
N PRO A 833 -10.67 17.98 19.80
CA PRO A 833 -11.57 16.85 20.03
C PRO A 833 -13.05 17.14 19.78
N TRP A 834 -13.53 18.28 20.27
CA TRP A 834 -14.93 18.66 20.12
C TRP A 834 -15.31 18.95 18.66
N GLY A 835 -14.41 18.60 17.74
CA GLY A 835 -14.67 18.82 16.33
C GLY A 835 -14.96 20.24 15.87
N GLY A 836 -14.08 21.17 16.21
CA GLY A 836 -14.27 22.55 15.80
C GLY A 836 -13.36 22.84 14.62
N GLN A 837 -13.29 24.11 14.20
CA GLN A 837 -12.42 24.47 13.10
C GLN A 837 -11.00 24.65 13.61
N ALA A 838 -10.18 23.62 13.42
CA ALA A 838 -8.78 23.61 13.85
C ALA A 838 -8.62 23.39 15.35
N ILE A 839 -9.33 24.18 16.15
CA ILE A 839 -9.23 24.03 17.60
C ILE A 839 -10.59 23.94 18.26
N SER A 840 -10.59 23.67 19.57
CA SER A 840 -11.84 23.53 20.31
C SER A 840 -11.89 24.36 21.57
N HIS A 841 -10.81 24.29 22.35
CA HIS A 841 -10.73 24.97 23.63
C HIS A 841 -10.20 26.38 23.70
N GLN A 842 -9.37 26.78 22.74
CA GLN A 842 -8.81 28.13 22.80
C GLN A 842 -9.68 29.23 22.20
N ARG A 843 -9.64 30.39 22.86
CA ARG A 843 -10.35 31.58 22.41
C ARG A 843 -9.43 32.74 22.76
N VAL A 844 -8.50 33.02 21.86
CA VAL A 844 -7.58 34.11 22.07
C VAL A 844 -8.16 35.36 21.45
N ASN A 845 -7.89 36.50 22.08
CA ASN A 845 -8.39 37.79 21.57
C ASN A 845 -7.19 38.66 21.27
N ILE A 846 -7.27 39.40 20.17
CA ILE A 846 -6.21 40.33 19.80
C ILE A 846 -6.84 41.67 19.43
N TYR A 847 -6.81 42.59 20.39
CA TYR A 847 -7.36 43.93 20.22
C TYR A 847 -6.38 44.83 19.49
N LEU A 848 -6.79 45.35 18.34
CA LEU A 848 -5.93 46.21 17.53
C LEU A 848 -6.32 47.69 17.59
N GLY A 849 -5.33 48.56 17.82
CA GLY A 849 -5.59 49.99 17.88
C GLY A 849 -4.38 50.82 17.58
N LYS A 850 -4.39 52.07 18.03
CA LYS A 850 -3.27 52.99 17.80
C LYS A 850 -2.81 53.64 19.10
N GLY A 851 -3.22 53.07 20.23
CA GLY A 851 -2.83 53.58 21.53
C GLY A 851 -3.45 54.89 21.93
N GLU A 852 -4.72 55.08 21.59
CA GLU A 852 -5.41 56.32 21.91
C GLU A 852 -6.35 56.19 23.09
N GLY A 853 -6.57 57.29 23.79
CA GLY A 853 -7.46 57.28 24.93
C GLY A 853 -6.92 56.46 26.08
N GLY A 854 -7.81 56.02 26.95
CA GLY A 854 -7.42 55.22 28.10
C GLY A 854 -8.16 53.90 28.23
N ALA A 855 -8.32 53.43 29.47
CA ALA A 855 -9.00 52.17 29.75
C ALA A 855 -10.24 51.93 28.88
N THR A 856 -10.27 50.77 28.22
CA THR A 856 -11.36 50.40 27.33
C THR A 856 -11.75 48.94 27.52
N PRO A 857 -13.03 48.67 27.86
CA PRO A 857 -13.48 47.29 28.06
C PRO A 857 -13.25 46.36 26.88
N GLY A 858 -12.95 45.10 27.16
CA GLY A 858 -12.75 44.15 26.10
C GLY A 858 -14.10 43.58 25.71
N LEU A 859 -14.13 42.50 24.95
CA LEU A 859 -15.39 41.89 24.55
C LEU A 859 -16.15 41.50 25.82
N PRO A 860 -17.47 41.25 25.69
CA PRO A 860 -18.35 40.87 26.80
C PRO A 860 -17.82 39.94 27.90
N GLY A 861 -18.04 38.64 27.75
CA GLY A 861 -17.61 37.69 28.77
C GLY A 861 -16.16 37.71 29.20
N THR A 862 -15.40 38.64 28.64
CA THR A 862 -13.97 38.79 28.92
C THR A 862 -13.58 39.24 30.33
N ASN A 863 -14.29 40.23 30.87
CA ASN A 863 -14.00 40.76 32.21
C ASN A 863 -12.63 41.44 32.30
N ILE A 864 -12.22 42.13 31.24
CA ILE A 864 -10.95 42.85 31.24
C ILE A 864 -11.05 44.13 30.43
N ASN A 865 -10.13 45.05 30.70
CA ASN A 865 -10.06 46.30 29.96
C ASN A 865 -8.72 46.30 29.25
N LEU A 866 -8.61 47.08 28.17
CA LEU A 866 -7.37 47.19 27.43
C LEU A 866 -6.78 48.56 27.75
N GLU A 867 -5.46 48.70 27.61
CA GLU A 867 -4.77 49.95 27.91
C GLU A 867 -5.34 51.18 27.20
N HIS A 868 -5.67 51.05 25.91
CA HIS A 868 -6.23 52.13 25.13
C HIS A 868 -7.33 51.57 24.24
N ALA A 869 -8.04 52.44 23.53
CA ALA A 869 -9.12 52.03 22.65
C ALA A 869 -8.63 51.13 21.52
N TRP A 870 -9.56 50.39 20.92
CA TRP A 870 -9.25 49.49 19.81
C TRP A 870 -10.32 49.62 18.73
N ASP A 871 -9.91 49.46 17.48
CA ASP A 871 -10.83 49.58 16.33
C ASP A 871 -11.44 48.23 15.99
N SER A 872 -10.74 47.16 16.32
CA SER A 872 -11.24 45.83 16.06
C SER A 872 -10.46 44.77 16.81
N VAL A 873 -11.07 43.61 16.98
CA VAL A 873 -10.44 42.51 17.67
C VAL A 873 -10.50 41.28 16.79
N ILE A 874 -9.45 40.47 16.85
CA ILE A 874 -9.40 39.24 16.08
C ILE A 874 -9.71 38.15 17.08
N VAL A 875 -10.79 37.43 16.85
CA VAL A 875 -11.18 36.36 17.76
C VAL A 875 -10.84 35.02 17.15
N THR A 876 -9.90 34.30 17.75
CA THR A 876 -9.50 32.99 17.26
C THR A 876 -10.19 31.95 18.12
N ASP A 877 -11.34 31.50 17.63
CA ASP A 877 -12.19 30.52 18.30
C ASP A 877 -12.69 29.60 17.20
N GLY A 878 -12.36 28.32 17.29
CA GLY A 878 -12.80 27.40 16.25
C GLY A 878 -14.16 26.77 16.51
N ARG A 879 -14.76 27.16 17.63
CA ARG A 879 -16.03 26.62 18.03
C ARG A 879 -17.20 27.54 17.70
N PHE A 880 -18.32 26.95 17.28
CA PHE A 880 -19.53 27.69 16.99
C PHE A 880 -19.43 28.82 15.97
N ASP A 881 -18.43 28.77 15.10
CA ASP A 881 -18.26 29.81 14.08
C ASP A 881 -18.12 31.17 14.78
N GLY A 882 -17.35 31.20 15.86
CA GLY A 882 -17.16 32.44 16.61
C GLY A 882 -15.85 33.12 16.32
N ALA A 883 -15.24 32.80 15.19
CA ALA A 883 -13.97 33.40 14.79
C ALA A 883 -14.18 34.46 13.72
N GLY A 884 -13.34 35.48 13.77
CA GLY A 884 -13.43 36.57 12.81
C GLY A 884 -12.94 37.85 13.44
N VAL A 885 -13.12 38.98 12.74
CA VAL A 885 -12.71 40.26 13.29
C VAL A 885 -13.97 41.04 13.62
N TYR A 886 -14.06 41.52 14.85
CA TYR A 886 -15.23 42.26 15.31
C TYR A 886 -14.95 43.71 15.68
N ALA A 887 -15.98 44.53 15.60
CA ALA A 887 -15.89 45.95 15.94
C ALA A 887 -16.28 46.05 17.41
N PRO A 888 -15.93 47.16 18.07
CA PRO A 888 -16.29 47.29 19.49
C PRO A 888 -17.75 47.04 19.87
N ASP A 889 -18.63 47.03 18.87
CA ASP A 889 -20.05 46.82 19.13
C ASP A 889 -20.51 45.36 18.92
N GLY A 890 -19.54 44.45 18.84
CA GLY A 890 -19.87 43.04 18.67
C GLY A 890 -20.10 42.56 17.24
N THR A 891 -20.25 43.49 16.30
CA THR A 891 -20.48 43.13 14.91
C THR A 891 -19.23 42.49 14.32
N ARG A 892 -19.43 41.45 13.51
CA ARG A 892 -18.30 40.79 12.88
C ARG A 892 -18.11 41.50 11.54
N THR A 893 -16.96 42.15 11.37
CA THR A 893 -16.70 42.87 10.14
C THR A 893 -16.06 42.01 9.06
N SER A 894 -15.58 40.83 9.46
CA SER A 894 -14.96 39.92 8.50
C SER A 894 -14.79 38.51 9.03
N ALA A 895 -14.79 37.55 8.11
CA ALA A 895 -14.62 36.15 8.46
C ALA A 895 -13.14 35.86 8.43
N VAL A 896 -12.71 34.86 9.20
CA VAL A 896 -11.31 34.48 9.24
C VAL A 896 -11.17 32.96 9.05
N SER A 897 -9.94 32.53 8.77
CA SER A 897 -9.67 31.10 8.56
C SER A 897 -8.69 30.65 9.62
N LEU A 898 -8.96 29.50 10.23
CA LEU A 898 -8.09 28.97 11.26
C LEU A 898 -7.41 27.70 10.77
N LEU A 899 -6.13 27.56 11.08
CA LEU A 899 -5.37 26.39 10.67
C LEU A 899 -4.49 25.96 11.83
N ALA A 900 -4.52 24.67 12.14
CA ALA A 900 -3.70 24.15 13.23
C ALA A 900 -2.43 23.49 12.67
N VAL A 901 -1.30 23.83 13.27
CA VAL A 901 0.00 23.27 12.87
C VAL A 901 0.58 22.69 14.16
N PRO A 902 0.05 21.53 14.59
CA PRO A 902 0.46 20.81 15.80
C PRO A 902 1.95 20.58 15.97
N GLU A 903 2.62 20.20 14.90
CA GLU A 903 4.06 19.96 14.96
C GLU A 903 4.78 21.17 15.55
N ALA A 904 4.27 22.36 15.26
CA ALA A 904 4.86 23.60 15.75
C ALA A 904 4.07 24.20 16.91
N ARG A 905 3.04 23.49 17.35
CA ARG A 905 2.19 23.95 18.45
C ARG A 905 1.70 25.36 18.13
N GLN A 906 1.29 25.54 16.88
CA GLN A 906 0.79 26.81 16.39
C GLN A 906 -0.68 26.79 16.00
N ILE A 907 -1.26 27.99 15.97
CA ILE A 907 -2.64 28.19 15.59
C ILE A 907 -2.61 29.42 14.69
N VAL A 908 -2.87 29.20 13.41
CA VAL A 908 -2.84 30.26 12.43
C VAL A 908 -4.21 30.81 12.11
N THR A 909 -4.31 32.14 12.10
CA THR A 909 -5.56 32.81 11.77
C THR A 909 -5.31 33.71 10.57
N ARG A 910 -5.87 33.34 9.41
CA ARG A 910 -5.70 34.14 8.21
C ARG A 910 -6.76 35.24 8.20
N VAL A 911 -6.30 36.48 8.16
CA VAL A 911 -7.19 37.63 8.17
C VAL A 911 -7.02 38.43 6.90
N PRO A 912 -8.06 38.47 6.05
CA PRO A 912 -7.96 39.24 4.80
C PRO A 912 -7.55 40.67 5.13
N LYS A 913 -6.49 41.15 4.47
CA LYS A 913 -6.00 42.50 4.73
C LYS A 913 -7.10 43.56 4.87
N ALA A 914 -8.08 43.50 3.98
CA ALA A 914 -9.18 44.46 4.02
C ALA A 914 -9.98 44.42 5.32
N ALA A 915 -9.87 43.31 6.05
CA ALA A 915 -10.57 43.16 7.31
C ALA A 915 -10.15 44.24 8.31
N LEU A 916 -8.91 44.69 8.17
CA LEU A 916 -8.38 45.74 9.02
C LEU A 916 -8.43 47.01 8.20
N GLY A 917 -9.61 47.64 8.19
CA GLY A 917 -9.80 48.86 7.42
C GLY A 917 -8.69 49.90 7.53
N GLY A 918 -7.58 49.66 6.84
CA GLY A 918 -6.48 50.60 6.86
C GLY A 918 -5.52 50.51 8.03
N LEU A 919 -5.91 49.82 9.10
CA LEU A 919 -5.05 49.69 10.27
C LEU A 919 -3.90 48.71 9.98
N ASP A 920 -2.71 49.25 9.78
CA ASP A 920 -1.54 48.44 9.46
C ASP A 920 -0.93 47.78 10.69
N PRO A 921 -0.95 46.43 10.74
CA PRO A 921 -0.39 45.72 11.90
C PRO A 921 1.08 46.05 12.17
N ALA A 922 1.77 46.57 11.16
CA ALA A 922 3.18 46.93 11.30
C ALA A 922 3.40 48.05 12.32
N THR A 923 2.43 48.95 12.43
CA THR A 923 2.52 50.08 13.35
C THR A 923 1.35 50.19 14.31
N ALA A 924 0.58 49.12 14.46
CA ALA A 924 -0.57 49.13 15.36
C ALA A 924 -0.22 48.62 16.74
N ARG A 925 -0.99 49.07 17.73
CA ARG A 925 -0.81 48.62 19.09
C ARG A 925 -1.83 47.51 19.31
N MET A 926 -1.47 46.54 20.14
CA MET A 926 -2.39 45.43 20.38
C MET A 926 -2.27 44.77 21.74
N SER A 927 -3.39 44.21 22.18
CA SER A 927 -3.48 43.51 23.45
C SER A 927 -3.82 42.07 23.12
N VAL A 928 -3.13 41.13 23.76
CA VAL A 928 -3.34 39.70 23.50
C VAL A 928 -3.73 38.95 24.77
N ALA A 929 -4.89 38.30 24.72
CA ALA A 929 -5.38 37.54 25.87
C ALA A 929 -5.92 36.19 25.43
N MET A 930 -5.69 35.19 26.28
CA MET A 930 -6.14 33.83 26.02
C MET A 930 -7.32 33.48 26.92
N PHE A 931 -8.43 33.09 26.32
CA PHE A 931 -9.61 32.70 27.09
C PHE A 931 -10.01 31.29 26.69
N GLY A 932 -10.90 30.70 27.49
CA GLY A 932 -11.37 29.37 27.19
C GLY A 932 -12.72 29.52 26.50
N ASN A 933 -12.88 28.87 25.35
CA ASN A 933 -14.15 28.96 24.65
C ASN A 933 -15.24 28.31 25.48
N ALA A 934 -16.48 28.73 25.25
CA ALA A 934 -17.61 28.16 25.97
C ALA A 934 -18.88 28.45 25.18
N GLU A 935 -19.93 27.70 25.46
CA GLU A 935 -21.20 27.90 24.78
C GLU A 935 -21.86 29.15 25.36
N SER A 936 -22.74 29.76 24.57
CA SER A 936 -23.43 30.97 24.99
C SER A 936 -24.07 30.82 26.36
N GLY A 937 -24.77 29.71 26.60
CA GLY A 937 -25.43 29.48 27.87
C GLY A 937 -24.49 29.13 29.01
N GLU A 938 -23.18 29.23 28.76
CA GLU A 938 -22.19 28.93 29.80
C GLU A 938 -21.50 30.20 30.26
N GLY A 939 -21.73 31.28 29.51
CA GLY A 939 -21.14 32.56 29.84
C GLY A 939 -21.23 33.48 28.63
N ILE A 940 -21.52 34.75 28.86
CA ILE A 940 -21.62 35.70 27.76
C ILE A 940 -20.33 35.86 26.97
N GLY A 941 -20.47 35.98 25.66
CA GLY A 941 -19.32 36.16 24.80
C GLY A 941 -18.55 34.90 24.45
N ASN A 942 -19.13 33.75 24.78
CA ASN A 942 -18.50 32.47 24.49
C ASN A 942 -17.19 32.33 25.25
N VAL A 943 -17.19 32.78 26.49
CA VAL A 943 -16.02 32.72 27.35
C VAL A 943 -16.27 31.87 28.59
N ARG A 944 -15.48 30.81 28.77
CA ARG A 944 -15.63 29.94 29.93
C ARG A 944 -15.18 30.73 31.17
N PRO A 945 -16.11 31.05 32.06
CA PRO A 945 -15.81 31.81 33.29
C PRO A 945 -14.95 31.15 34.35
N VAL A 946 -14.37 32.00 35.19
CA VAL A 946 -13.50 31.59 36.30
C VAL A 946 -14.25 31.85 37.60
N TYR A 947 -14.29 30.85 38.48
CA TYR A 947 -14.98 30.98 39.75
C TYR A 947 -14.04 30.97 40.94
N ASP A 948 -14.60 31.20 42.12
CA ASP A 948 -13.82 31.24 43.36
C ASP A 948 -12.94 30.01 43.58
N GLY A 949 -11.76 30.23 44.17
CA GLY A 949 -10.84 29.13 44.42
C GLY A 949 -11.39 27.99 45.26
N ALA A 950 -11.63 28.26 46.54
CA ALA A 950 -12.15 27.24 47.44
C ALA A 950 -13.40 26.60 46.87
N TYR A 951 -14.29 27.44 46.37
CA TYR A 951 -15.54 26.98 45.76
C TYR A 951 -15.27 25.94 44.67
N TRP A 952 -14.33 26.25 43.79
CA TRP A 952 -13.96 25.36 42.69
C TRP A 952 -13.35 24.06 43.23
N GLU A 953 -12.40 24.21 44.16
CA GLU A 953 -11.74 23.07 44.76
C GLU A 953 -12.74 22.14 45.43
N ALA A 954 -13.74 22.73 46.08
CA ALA A 954 -14.77 21.96 46.77
C ALA A 954 -15.47 20.95 45.86
N GLY A 955 -15.56 21.27 44.58
CA GLY A 955 -16.21 20.37 43.64
C GLY A 955 -17.65 20.10 44.05
N ASP A 956 -18.55 21.03 43.74
CA ASP A 956 -19.96 20.88 44.07
C ASP A 956 -20.76 22.03 43.47
N PRO A 957 -21.49 21.77 42.37
CA PRO A 957 -21.58 20.47 41.69
C PRO A 957 -20.25 20.02 41.09
N ALA A 958 -20.28 18.85 40.47
CA ALA A 958 -19.09 18.26 39.86
C ALA A 958 -18.57 18.97 38.60
N TRP A 959 -19.48 19.51 37.79
CA TRP A 959 -19.05 20.17 36.57
C TRP A 959 -18.27 21.47 36.77
N ILE A 960 -18.41 22.08 37.94
CA ILE A 960 -17.69 23.33 38.22
C ILE A 960 -16.18 23.09 38.20
N LYS A 961 -15.73 22.13 38.99
CA LYS A 961 -14.31 21.82 39.07
C LYS A 961 -13.85 21.01 37.86
N GLU A 962 -14.78 20.36 37.17
CA GLU A 962 -14.41 19.56 36.01
C GLU A 962 -14.53 20.26 34.67
N TRP A 963 -15.40 21.26 34.56
CA TRP A 963 -15.57 21.96 33.29
C TRP A 963 -15.43 23.47 33.34
N ARG A 964 -15.03 24.01 34.49
CA ARG A 964 -14.87 25.45 34.64
C ARG A 964 -13.53 25.78 35.27
N PHE A 965 -13.14 27.05 35.17
CA PHE A 965 -11.88 27.52 35.73
C PHE A 965 -12.09 27.88 37.18
N GLY A 966 -11.03 27.79 37.98
CA GLY A 966 -11.12 28.13 39.38
C GLY A 966 -9.94 28.96 39.82
N GLY A 967 -10.01 29.52 41.04
CA GLY A 967 -8.92 30.32 41.54
C GLY A 967 -9.16 31.81 41.36
N GLY A 968 -10.38 32.16 40.97
CA GLY A 968 -10.72 33.56 40.77
C GLY A 968 -11.68 34.10 41.82
N ALA A 969 -12.93 34.27 41.43
CA ALA A 969 -13.97 34.78 42.33
C ALA A 969 -15.35 34.51 41.78
N GLY A 970 -16.30 34.28 42.68
CA GLY A 970 -17.68 34.03 42.27
C GLY A 970 -18.11 32.58 42.15
N VAL A 971 -19.41 32.35 42.27
CA VAL A 971 -19.97 31.01 42.13
C VAL A 971 -20.98 31.07 40.99
N PHE A 972 -21.42 29.92 40.50
CA PHE A 972 -22.37 29.87 39.40
C PHE A 972 -23.72 30.50 39.71
N ASP A 973 -24.37 30.99 38.68
CA ASP A 973 -25.68 31.62 38.79
C ASP A 973 -26.36 31.53 37.44
N GLY A 974 -27.41 30.72 37.35
CA GLY A 974 -28.12 30.53 36.10
C GLY A 974 -29.11 31.62 35.69
N THR A 975 -29.26 32.65 36.52
CA THR A 975 -30.20 33.73 36.21
C THR A 975 -29.61 34.81 35.30
N ILE A 976 -28.37 35.21 35.54
CA ILE A 976 -27.75 36.25 34.72
C ILE A 976 -26.92 35.69 33.58
N PRO A 977 -26.75 36.48 32.50
CA PRO A 977 -25.98 36.07 31.31
C PRO A 977 -24.50 35.73 31.55
N SER A 978 -23.92 36.23 32.64
CA SER A 978 -22.52 35.95 32.92
C SER A 978 -22.33 34.61 33.64
N ARG A 979 -23.41 34.08 34.21
CA ARG A 979 -23.39 32.81 34.94
C ARG A 979 -22.39 32.85 36.09
N ASP A 980 -21.88 34.04 36.38
CA ASP A 980 -20.91 34.23 37.45
C ASP A 980 -21.48 35.29 38.38
N THR A 981 -21.42 35.04 39.68
CA THR A 981 -21.94 35.99 40.66
C THR A 981 -20.90 37.07 40.92
N ASP A 982 -19.73 36.92 40.29
CA ASP A 982 -18.65 37.89 40.44
C ASP A 982 -17.78 37.91 39.18
N THR A 983 -17.79 39.04 38.48
CA THR A 983 -17.02 39.19 37.25
C THR A 983 -15.85 40.16 37.39
N ASP A 984 -15.50 40.52 38.62
CA ASP A 984 -14.39 41.43 38.87
C ASP A 984 -13.05 40.81 38.48
N ASP A 985 -12.95 39.49 38.60
CA ASP A 985 -11.73 38.76 38.26
C ASP A 985 -11.74 38.47 36.76
N PRO A 986 -10.59 38.66 36.09
CA PRO A 986 -10.52 38.41 34.65
C PRO A 986 -10.68 36.93 34.31
N ASN A 987 -11.20 36.66 33.11
CA ASN A 987 -11.41 35.29 32.65
C ASN A 987 -10.25 34.81 31.77
N ALA A 988 -9.26 35.67 31.57
CA ALA A 988 -8.10 35.32 30.75
C ALA A 988 -7.14 34.46 31.57
N LEU A 989 -6.67 33.37 30.98
CA LEU A 989 -5.74 32.50 31.70
C LEU A 989 -4.33 33.03 31.60
N ASP A 990 -4.12 33.93 30.65
CA ASP A 990 -2.83 34.58 30.50
C ASP A 990 -2.88 35.56 29.34
N VAL A 991 -2.11 36.63 29.48
CA VAL A 991 -2.05 37.69 28.48
C VAL A 991 -0.59 38.04 28.22
N LEU A 992 -0.36 39.03 27.36
CA LEU A 992 0.99 39.46 27.09
C LEU A 992 1.19 40.83 27.72
N VAL A 993 2.39 41.07 28.25
CA VAL A 993 2.71 42.33 28.88
C VAL A 993 4.02 42.84 28.31
N GLY A 994 4.34 44.09 28.59
CA GLY A 994 5.56 44.70 28.09
C GLY A 994 6.64 44.87 29.14
N GLU A 995 7.76 45.46 28.75
CA GLU A 995 8.87 45.66 29.68
C GLU A 995 8.43 46.36 30.95
N GLY A 996 9.09 46.02 32.05
CA GLY A 996 8.78 46.64 33.32
C GLY A 996 7.52 46.14 34.00
N GLN A 997 6.68 45.39 33.29
CA GLN A 997 5.46 44.90 33.91
C GLN A 997 5.41 43.39 34.06
N THR A 998 4.52 42.93 34.94
CA THR A 998 4.34 41.52 35.23
C THR A 998 2.88 41.11 35.06
N GLN A 999 2.65 39.89 34.60
CA GLN A 999 1.30 39.39 34.42
C GLN A 999 0.61 39.26 35.77
N ALA A 1000 1.39 39.05 36.82
CA ALA A 1000 0.86 38.92 38.16
C ALA A 1000 0.22 40.24 38.60
N ALA A 1001 0.89 41.36 38.32
CA ALA A 1001 0.35 42.66 38.70
C ALA A 1001 -0.77 43.12 37.76
N VAL A 1002 -0.54 43.02 36.45
CA VAL A 1002 -1.54 43.44 35.49
C VAL A 1002 -2.87 42.70 35.64
N LEU A 1003 -2.80 41.43 36.05
CA LEU A 1003 -4.02 40.63 36.20
C LEU A 1003 -4.51 40.57 37.65
N ASP A 1004 -3.96 41.44 38.50
CA ASP A 1004 -4.35 41.49 39.91
C ASP A 1004 -5.61 42.33 40.06
N TRP A 1005 -6.77 41.67 40.00
CA TRP A 1005 -8.05 42.35 40.14
C TRP A 1005 -8.29 42.85 41.56
N ARG A 1006 -7.58 42.27 42.52
CA ARG A 1006 -7.71 42.66 43.91
C ARG A 1006 -7.21 44.08 44.11
N ALA A 1007 -6.36 44.53 43.19
CA ALA A 1007 -5.79 45.87 43.27
C ALA A 1007 -6.56 46.86 42.41
N GLY A 1008 -7.51 46.35 41.63
CA GLY A 1008 -8.30 47.20 40.77
C GLY A 1008 -9.05 46.38 39.74
N SER A 1009 -10.29 46.76 39.47
CA SER A 1009 -11.10 46.03 38.52
C SER A 1009 -12.01 46.95 37.71
N PRO A 1010 -12.21 46.63 36.41
CA PRO A 1010 -11.58 45.46 35.79
C PRO A 1010 -10.10 45.70 35.53
N VAL A 1011 -9.35 44.63 35.33
CA VAL A 1011 -7.93 44.75 35.09
C VAL A 1011 -7.68 45.44 33.75
N VAL A 1012 -6.48 45.99 33.59
CA VAL A 1012 -6.12 46.68 32.35
C VAL A 1012 -4.95 46.00 31.64
N VAL A 1013 -5.26 45.26 30.58
CA VAL A 1013 -4.24 44.56 29.80
C VAL A 1013 -3.50 45.58 28.91
N PRO A 1014 -2.17 45.57 28.96
CA PRO A 1014 -1.35 46.49 28.18
C PRO A 1014 -1.47 46.40 26.65
N MET A 1015 -1.40 47.55 26.01
CA MET A 1015 -1.50 47.65 24.57
C MET A 1015 -0.04 47.78 24.13
N LEU A 1016 0.46 46.80 23.39
CA LEU A 1016 1.84 46.87 22.96
C LEU A 1016 2.02 46.74 21.46
N GLY A 1017 3.26 46.93 20.99
CA GLY A 1017 3.52 46.86 19.56
C GLY A 1017 4.44 45.73 19.14
N LEU A 1018 4.31 45.28 17.90
CA LEU A 1018 5.13 44.20 17.36
C LEU A 1018 6.56 44.65 17.13
N GLN A 1019 7.51 43.83 17.56
CA GLN A 1019 8.92 44.14 17.34
C GLN A 1019 9.36 43.48 16.05
N PRO A 1020 9.97 44.25 15.13
CA PRO A 1020 10.42 43.68 13.86
C PRO A 1020 11.38 42.50 14.05
#